data_6DJI
#
_entry.id   6DJI
#
_cell.length_a   49.765
_cell.length_b   104.986
_cell.length_c   194.109
_cell.angle_alpha   90.00
_cell.angle_beta   90.00
_cell.angle_gamma   90.00
#
_symmetry.space_group_name_H-M   'P 21 21 21'
#
loop_
_entity.id
_entity.type
_entity.pdbx_description
1 polymer 'Tyrosyl-DNA phosphodiesterase 1'
2 non-polymer '3-hydroxybenzene-1,2-dicarboxylic acid'
3 non-polymer 1,2-ETHANEDIOL
4 water water
#
_entity_poly.entity_id   1
_entity_poly.type   'polypeptide(L)'
_entity_poly.pdbx_seq_one_letter_code
;SGEGQDIWDMLDKGNPFQFYLTRVSGVKPKYNSGALHIKDILSPLFGTLVSSAQFNYCFDVDWLVKQYPPEFRKKPILLV
HGDKREAKAHLHAQAKPYENISLCQAKLDIAFGTHHTKMMLLLYEEGLRVVIHTSNLIHADWHQKTQGIWLSPLYPRIAD
GTHKSGESPTHFKADLISYLMAYNAPSLKEWIDVIHKHDLSETNVYLIGSTPGRFQGSQKDNWGHFRLKKLLKDHASSMP
NAESWPVVGQFSSVGSLGADESKWLCSEFKESMLTLGKESKTPGKSSVPLYLIYPSVENVRTSLEGYPAGGSLPYSIQTA
EKQNWLHSYFHKWSAETSGRSNAMPHIKTYMRPSPDFSKIAWFLVTSANLSKAAWGALEKNGTQLMIRSYELGVLFLPSA
FGLDSFKVKQKFFAGSQEPMATFPVPYDLPPELYGSKDRPWIWNIPYVKAPDTHGNMWVPS
;
_entity_poly.pdbx_strand_id   A,B
#
loop_
_chem_comp.id
_chem_comp.type
_chem_comp.name
_chem_comp.formula
EDO non-polymer 1,2-ETHANEDIOL 'C2 H6 O2'
GOG non-polymer '3-hydroxybenzene-1,2-dicarboxylic acid' 'C8 H6 O5'
#
# COMPACT_ATOMS: atom_id res chain seq x y z
N ASN A 15 20.53 11.78 4.91
CA ASN A 15 19.81 10.69 5.55
C ASN A 15 18.35 10.63 5.07
N PRO A 16 17.86 9.41 4.84
CA PRO A 16 16.46 9.28 4.42
C PRO A 16 15.45 9.32 5.56
N PHE A 17 15.91 9.29 6.82
CA PHE A 17 14.95 9.05 7.90
C PHE A 17 14.31 10.31 8.44
N GLN A 18 15.01 11.44 8.45
CA GLN A 18 14.44 12.71 8.90
C GLN A 18 13.92 12.60 10.33
N PHE A 19 14.68 11.90 11.16
CA PHE A 19 14.41 11.74 12.57
C PHE A 19 15.42 12.60 13.35
N TYR A 20 14.90 13.52 14.16
CA TYR A 20 15.74 14.48 14.88
C TYR A 20 15.44 14.44 16.36
N LEU A 21 16.41 14.89 17.16
CA LEU A 21 16.17 15.23 18.56
C LEU A 21 16.05 16.74 18.71
N THR A 22 15.34 17.16 19.76
CA THR A 22 15.28 18.56 20.12
C THR A 22 16.62 19.02 20.68
N ARG A 23 16.88 20.33 20.54
CA ARG A 23 18.06 20.93 21.14
C ARG A 23 18.03 20.83 22.66
N VAL A 24 19.19 20.58 23.28
CA VAL A 24 19.31 20.50 24.72
C VAL A 24 20.26 21.59 25.19
N SER A 25 19.79 22.48 26.04
N SER A 25 19.78 22.48 26.03
CA SER A 25 20.61 23.56 26.56
CA SER A 25 20.61 23.54 26.57
C SER A 25 21.56 23.01 27.62
C SER A 25 21.58 22.95 27.60
N GLY A 26 22.87 23.13 27.38
CA GLY A 26 23.87 22.70 28.34
C GLY A 26 24.75 21.55 27.90
N VAL A 27 24.52 20.96 26.75
CA VAL A 27 25.45 19.99 26.21
C VAL A 27 26.36 20.72 25.23
N LYS A 28 27.49 20.09 24.91
CA LYS A 28 28.44 20.68 23.99
C LYS A 28 27.82 20.82 22.61
N PRO A 29 28.25 21.80 21.82
CA PRO A 29 27.68 22.00 20.48
C PRO A 29 27.67 20.77 19.59
N LYS A 30 28.65 19.86 19.73
CA LYS A 30 28.64 18.67 18.89
C LYS A 30 27.38 17.83 19.09
N TYR A 31 26.70 17.99 20.23
CA TYR A 31 25.50 17.22 20.53
C TYR A 31 24.22 17.95 20.15
N ASN A 32 24.32 19.19 19.66
CA ASN A 32 23.16 19.91 19.13
C ASN A 32 23.26 20.21 17.63
N SER A 33 24.38 19.88 17.00
CA SER A 33 24.47 20.04 15.55
C SER A 33 23.65 18.95 14.89
N GLY A 34 22.56 19.33 14.24
CA GLY A 34 21.62 18.37 13.74
C GLY A 34 20.42 18.17 14.63
N ALA A 35 20.41 18.75 15.82
CA ALA A 35 19.20 18.84 16.61
C ALA A 35 18.36 20.01 16.13
N LEU A 36 17.06 19.98 16.48
CA LEU A 36 16.12 21.02 16.05
C LEU A 36 15.39 21.62 17.25
N HIS A 37 15.39 22.94 17.33
CA HIS A 37 14.53 23.64 18.25
C HIS A 37 13.25 24.03 17.53
N ILE A 38 12.21 24.35 18.31
CA ILE A 38 10.94 24.64 17.66
C ILE A 38 11.07 25.88 16.78
N LYS A 39 11.91 26.85 17.19
CA LYS A 39 12.16 28.00 16.33
C LYS A 39 12.76 27.59 14.98
N ASP A 40 13.57 26.52 14.96
CA ASP A 40 14.09 26.03 13.68
C ASP A 40 12.98 25.46 12.80
N ILE A 41 12.06 24.69 13.40
CA ILE A 41 11.00 24.04 12.63
C ILE A 41 10.07 25.08 12.00
N LEU A 42 9.75 26.15 12.73
CA LEU A 42 8.81 27.17 12.29
C LEU A 42 9.47 28.28 11.49
N SER A 43 10.77 28.18 11.25
CA SER A 43 11.54 29.21 10.59
C SER A 43 11.09 29.40 9.14
N PRO A 44 11.22 30.60 8.59
N PRO A 44 11.21 30.61 8.59
CA PRO A 44 10.88 30.79 7.17
CA PRO A 44 10.89 30.81 7.17
C PRO A 44 11.71 29.93 6.24
C PRO A 44 11.69 29.93 6.25
N LEU A 45 12.87 29.47 6.69
CA LEU A 45 13.68 28.56 5.88
C LEU A 45 12.97 27.25 5.57
N PHE A 46 12.00 26.84 6.38
N PHE A 46 12.01 26.84 6.41
CA PHE A 46 11.29 25.59 6.12
CA PHE A 46 11.26 25.62 6.20
C PHE A 46 9.99 25.80 5.35
C PHE A 46 10.09 25.81 5.25
N GLY A 47 9.64 27.04 5.04
CA GLY A 47 8.49 27.31 4.22
C GLY A 47 7.84 28.62 4.63
N THR A 48 7.08 29.22 3.70
CA THR A 48 6.41 30.49 3.95
C THR A 48 5.04 30.20 4.53
N LEU A 49 4.91 30.39 5.85
CA LEU A 49 3.74 29.91 6.57
C LEU A 49 2.46 30.66 6.18
N VAL A 50 1.42 29.90 5.85
CA VAL A 50 0.09 30.44 5.60
C VAL A 50 -0.85 30.17 6.77
N SER A 51 -0.75 28.98 7.36
N SER A 51 -0.76 28.98 7.37
CA SER A 51 -1.52 28.63 8.54
CA SER A 51 -1.65 28.52 8.44
C SER A 51 -0.87 27.40 9.15
C SER A 51 -1.05 27.27 9.06
N SER A 52 -1.34 27.05 10.34
CA SER A 52 -0.79 25.89 11.02
C SER A 52 -1.80 25.31 11.99
N ALA A 53 -1.65 24.02 12.25
CA ALA A 53 -2.42 23.34 13.29
C ALA A 53 -1.41 22.76 14.27
N GLN A 54 -1.65 22.94 15.55
CA GLN A 54 -0.81 22.42 16.63
C GLN A 54 -1.65 21.44 17.46
N PHE A 55 -1.42 20.15 17.23
CA PHE A 55 -2.01 19.10 18.06
C PHE A 55 -1.11 18.90 19.25
N ASN A 56 -1.66 18.92 20.45
CA ASN A 56 -0.80 18.67 21.61
C ASN A 56 -1.65 18.37 22.83
N TYR A 57 -0.97 18.26 23.96
CA TYR A 57 -1.61 18.02 25.24
C TYR A 57 -1.61 19.27 26.11
N CYS A 58 -0.42 19.84 26.33
CA CYS A 58 -0.23 21.03 27.16
C CYS A 58 0.30 22.17 26.29
N PHE A 59 -0.23 23.37 26.52
CA PHE A 59 0.12 24.56 25.74
C PHE A 59 0.43 25.72 26.68
N ASP A 60 1.49 26.44 26.37
CA ASP A 60 1.72 27.80 26.89
C ASP A 60 1.62 28.69 25.65
N VAL A 61 0.45 29.33 25.49
CA VAL A 61 0.14 30.01 24.24
C VAL A 61 1.04 31.23 24.04
N ASP A 62 1.31 31.98 25.11
N ASP A 62 1.32 31.97 25.11
CA ASP A 62 2.23 33.11 25.00
CA ASP A 62 2.22 33.10 24.97
C ASP A 62 3.58 32.65 24.49
C ASP A 62 3.60 32.67 24.51
N TRP A 63 4.13 31.59 25.09
CA TRP A 63 5.39 31.04 24.64
C TRP A 63 5.30 30.57 23.19
N LEU A 64 4.22 29.85 22.86
CA LEU A 64 4.09 29.25 21.54
C LEU A 64 4.13 30.31 20.44
N VAL A 65 3.39 31.40 20.61
CA VAL A 65 3.36 32.41 19.56
C VAL A 65 4.74 33.00 19.36
N LYS A 66 5.50 33.20 20.46
CA LYS A 66 6.86 33.69 20.34
C LYS A 66 7.79 32.76 19.54
N GLN A 67 7.44 31.47 19.40
CA GLN A 67 8.33 30.57 18.65
C GLN A 67 8.15 30.69 17.15
N TYR A 68 7.01 31.21 16.71
CA TYR A 68 6.83 31.53 15.31
C TYR A 68 7.65 32.76 14.95
N PRO A 69 8.18 32.84 13.74
CA PRO A 69 8.86 34.06 13.30
C PRO A 69 7.93 35.25 13.42
N PRO A 70 8.44 36.42 13.81
CA PRO A 70 7.56 37.59 13.99
C PRO A 70 6.61 37.83 12.82
N GLU A 71 7.11 37.70 11.59
CA GLU A 71 6.28 37.95 10.41
C GLU A 71 5.13 36.95 10.28
N PHE A 72 5.20 35.78 10.92
CA PHE A 72 4.18 34.75 10.81
C PHE A 72 3.25 34.68 12.02
N ARG A 73 3.44 35.53 13.03
CA ARG A 73 2.71 35.35 14.29
C ARG A 73 1.22 35.68 14.21
N LYS A 74 0.73 36.31 13.14
CA LYS A 74 -0.70 36.53 13.01
C LYS A 74 -1.36 35.57 12.02
N LYS A 75 -0.60 34.69 11.38
CA LYS A 75 -1.21 33.66 10.56
C LYS A 75 -2.11 32.78 11.42
N PRO A 76 -3.17 32.21 10.85
CA PRO A 76 -4.09 31.41 11.66
C PRO A 76 -3.38 30.23 12.31
N ILE A 77 -3.74 29.95 13.57
CA ILE A 77 -3.25 28.79 14.30
C ILE A 77 -4.45 28.07 14.91
N LEU A 78 -4.53 26.76 14.70
CA LEU A 78 -5.53 25.92 15.34
C LEU A 78 -4.84 25.09 16.42
N LEU A 79 -5.35 25.17 17.65
CA LEU A 79 -4.87 24.33 18.74
C LEU A 79 -5.83 23.16 18.92
N VAL A 80 -5.32 21.94 18.76
CA VAL A 80 -6.12 20.74 18.95
C VAL A 80 -5.72 20.13 20.29
N HIS A 81 -6.68 20.03 21.22
CA HIS A 81 -6.45 19.70 22.61
C HIS A 81 -7.57 18.79 23.09
N GLY A 82 -7.44 18.30 24.33
CA GLY A 82 -8.48 17.44 24.89
C GLY A 82 -9.06 17.96 26.19
N ASP A 83 -8.81 19.23 26.50
CA ASP A 83 -9.15 19.76 27.82
C ASP A 83 -10.66 19.94 27.98
N LYS A 84 -11.13 19.78 29.21
CA LYS A 84 -12.54 19.91 29.55
C LYS A 84 -12.69 20.85 30.74
N ARG A 85 -13.90 21.36 30.92
CA ARG A 85 -14.31 22.08 32.15
C ARG A 85 -13.34 23.24 32.42
N GLU A 86 -12.75 23.34 33.62
CA GLU A 86 -11.95 24.50 33.96
C GLU A 86 -10.65 24.54 33.18
N ALA A 87 -10.04 23.38 32.95
CA ALA A 87 -8.87 23.31 32.08
C ALA A 87 -9.20 23.88 30.71
N LYS A 88 -10.35 23.52 30.15
CA LYS A 88 -10.76 24.06 28.87
C LYS A 88 -10.91 25.58 28.93
N ALA A 89 -11.55 26.08 29.98
CA ALA A 89 -11.66 27.52 30.16
C ALA A 89 -10.29 28.17 30.24
N HIS A 90 -9.37 27.57 31.01
CA HIS A 90 -8.03 28.15 31.15
C HIS A 90 -7.34 28.28 29.80
N LEU A 91 -7.48 27.26 28.94
CA LEU A 91 -6.83 27.31 27.64
C LEU A 91 -7.46 28.38 26.75
N HIS A 92 -8.79 28.45 26.73
CA HIS A 92 -9.43 29.51 25.96
C HIS A 92 -8.99 30.89 26.45
N ALA A 93 -8.91 31.08 27.77
CA ALA A 93 -8.47 32.36 28.31
C ALA A 93 -7.03 32.65 27.88
N GLN A 94 -6.18 31.62 27.84
CA GLN A 94 -4.82 31.81 27.32
C GLN A 94 -4.84 32.32 25.89
N ALA A 95 -5.78 31.82 25.09
CA ALA A 95 -5.73 32.05 23.66
C ALA A 95 -6.50 33.29 23.25
N LYS A 96 -7.49 33.71 24.06
CA LYS A 96 -8.32 34.88 23.80
C LYS A 96 -7.53 36.10 23.29
N PRO A 97 -6.39 36.46 23.89
CA PRO A 97 -5.66 37.64 23.40
C PRO A 97 -5.23 37.57 21.94
N TYR A 98 -5.18 36.39 21.34
CA TYR A 98 -4.70 36.22 19.97
C TYR A 98 -5.91 35.89 19.10
N GLU A 99 -6.36 36.88 18.32
CA GLU A 99 -7.57 36.69 17.53
C GLU A 99 -7.38 35.69 16.38
N ASN A 100 -6.13 35.37 16.02
CA ASN A 100 -5.83 34.42 14.95
C ASN A 100 -5.82 32.97 15.43
N ILE A 101 -6.02 32.71 16.71
CA ILE A 101 -5.94 31.35 17.24
C ILE A 101 -7.35 30.82 17.42
N SER A 102 -7.63 29.68 16.79
CA SER A 102 -8.83 28.90 17.00
C SER A 102 -8.49 27.64 17.77
N LEU A 103 -9.51 27.03 18.38
CA LEU A 103 -9.31 25.86 19.21
C LEU A 103 -10.27 24.75 18.79
N CYS A 104 -9.78 23.51 18.91
CA CYS A 104 -10.56 22.32 18.62
C CYS A 104 -10.45 21.39 19.81
N GLN A 105 -11.56 21.12 20.47
CA GLN A 105 -11.57 20.21 21.61
C GLN A 105 -11.84 18.80 21.12
N ALA A 106 -10.80 17.97 21.12
CA ALA A 106 -10.97 16.58 20.72
C ALA A 106 -11.89 15.87 21.71
N LYS A 107 -12.90 15.20 21.18
CA LYS A 107 -13.82 14.47 22.04
C LYS A 107 -13.12 13.29 22.70
N LEU A 108 -13.35 13.14 24.00
CA LEU A 108 -12.79 12.07 24.81
C LEU A 108 -13.99 11.43 25.50
N ASP A 109 -14.73 10.60 24.75
CA ASP A 109 -15.97 10.01 25.23
C ASP A 109 -15.77 8.75 26.06
N ILE A 110 -14.54 8.27 26.19
CA ILE A 110 -14.22 7.16 27.06
C ILE A 110 -13.49 7.73 28.27
N ALA A 111 -13.88 7.26 29.46
CA ALA A 111 -13.30 7.78 30.69
C ALA A 111 -11.79 7.61 30.72
N PHE A 112 -11.11 8.57 31.35
CA PHE A 112 -9.68 8.56 31.62
C PHE A 112 -8.85 8.66 30.35
N GLY A 113 -9.44 9.10 29.24
CA GLY A 113 -8.67 9.31 28.03
C GLY A 113 -8.02 10.68 27.99
N THR A 114 -6.98 10.79 27.16
CA THR A 114 -6.18 11.99 27.03
C THR A 114 -5.89 12.22 25.55
N HIS A 115 -5.77 13.47 25.17
CA HIS A 115 -5.31 13.81 23.82
C HIS A 115 -3.80 14.05 23.88
N HIS A 116 -3.03 12.98 23.62
CA HIS A 116 -1.58 13.00 23.74
C HIS A 116 -0.86 13.33 22.45
N THR A 117 -1.53 13.16 21.30
CA THR A 117 -0.90 13.36 19.99
C THR A 117 -0.19 14.71 19.89
N LYS A 118 1.05 14.68 19.41
CA LYS A 118 1.85 15.88 19.20
C LYS A 118 2.23 15.97 17.74
N MET A 119 1.62 16.93 17.04
CA MET A 119 1.75 17.02 15.59
C MET A 119 1.59 18.46 15.18
N MET A 120 2.39 18.87 14.20
CA MET A 120 2.20 20.15 13.52
C MET A 120 1.80 19.87 12.08
N LEU A 121 0.73 20.51 11.64
CA LEU A 121 0.44 20.62 10.22
C LEU A 121 0.80 22.04 9.81
N LEU A 122 1.70 22.17 8.85
CA LEU A 122 2.28 23.45 8.47
C LEU A 122 1.98 23.70 7.00
N LEU A 123 1.02 24.58 6.71
CA LEU A 123 0.62 24.91 5.35
C LEU A 123 1.42 26.12 4.89
N TYR A 124 2.13 25.96 3.78
CA TYR A 124 2.98 27.02 3.23
C TYR A 124 2.44 27.51 1.90
N GLU A 125 2.99 28.65 1.46
CA GLU A 125 2.90 29.04 0.05
C GLU A 125 3.39 27.94 -0.86
N GLU A 126 4.44 27.24 -0.46
CA GLU A 126 5.17 26.32 -1.31
C GLU A 126 4.69 24.88 -1.21
N GLY A 127 3.83 24.57 -0.27
CA GLY A 127 3.46 23.17 -0.07
C GLY A 127 2.94 22.96 1.35
N LEU A 128 3.10 21.73 1.82
CA LEU A 128 2.60 21.33 3.12
C LEU A 128 3.67 20.50 3.82
N ARG A 129 3.81 20.69 5.13
CA ARG A 129 4.69 19.82 5.91
C ARG A 129 3.95 19.25 7.10
N VAL A 130 4.30 18.02 7.45
CA VAL A 130 3.74 17.36 8.62
C VAL A 130 4.89 17.08 9.58
N VAL A 131 4.71 17.40 10.85
CA VAL A 131 5.72 17.17 11.87
C VAL A 131 5.07 16.35 12.97
N ILE A 132 5.61 15.17 13.24
CA ILE A 132 5.09 14.34 14.31
C ILE A 132 6.21 14.22 15.34
N HIS A 133 5.93 14.59 16.58
CA HIS A 133 6.99 14.77 17.55
C HIS A 133 6.48 14.40 18.94
N THR A 134 7.28 14.68 19.98
CA THR A 134 6.92 14.20 21.30
C THR A 134 6.85 15.28 22.37
N SER A 135 7.04 16.55 22.02
CA SER A 135 7.13 17.61 23.02
C SER A 135 5.80 18.36 23.20
N ASN A 136 5.48 18.65 24.45
CA ASN A 136 4.42 19.63 24.75
C ASN A 136 4.86 21.02 24.31
N LEU A 137 3.89 21.92 24.13
CA LEU A 137 4.23 23.26 23.64
C LEU A 137 4.41 24.21 24.83
N ILE A 138 5.42 23.89 25.63
CA ILE A 138 5.83 24.66 26.80
C ILE A 138 7.34 24.72 26.81
N HIS A 139 7.89 25.76 27.45
CA HIS A 139 9.34 25.99 27.40
C HIS A 139 10.12 24.78 27.89
N ALA A 140 9.71 24.18 29.00
CA ALA A 140 10.52 23.13 29.61
C ALA A 140 10.61 21.88 28.74
N ASP A 141 9.63 21.64 27.86
CA ASP A 141 9.72 20.42 27.06
C ASP A 141 10.76 20.51 25.95
N TRP A 142 11.21 21.72 25.59
CA TRP A 142 12.21 21.90 24.55
C TRP A 142 13.55 22.38 25.11
N HIS A 143 13.70 22.39 26.42
CA HIS A 143 14.86 22.99 27.06
C HIS A 143 15.93 21.94 27.33
N GLN A 144 15.65 21.00 28.24
CA GLN A 144 16.69 20.06 28.62
C GLN A 144 16.19 18.61 28.65
N LYS A 145 15.23 18.28 27.78
CA LYS A 145 14.72 16.92 27.68
C LYS A 145 15.21 16.25 26.40
N THR A 146 15.19 14.92 26.40
CA THR A 146 15.36 14.18 25.15
C THR A 146 13.98 14.01 24.53
N GLN A 147 13.79 14.60 23.36
CA GLN A 147 12.52 14.55 22.64
C GLN A 147 12.80 14.19 21.19
N GLY A 148 11.82 13.56 20.53
CA GLY A 148 11.97 13.14 19.15
C GLY A 148 11.08 13.88 18.17
N ILE A 149 11.57 14.04 16.94
CA ILE A 149 10.87 14.73 15.85
C ILE A 149 11.00 13.91 14.57
N TRP A 150 9.88 13.70 13.86
CA TRP A 150 9.93 13.29 12.46
C TRP A 150 9.46 14.45 11.59
N LEU A 151 10.28 14.82 10.61
CA LEU A 151 9.96 15.90 9.67
C LEU A 151 9.60 15.28 8.32
N SER A 152 8.38 15.53 7.86
CA SER A 152 8.00 15.10 6.52
C SER A 152 8.76 15.91 5.48
N PRO A 153 8.81 15.40 4.24
CA PRO A 153 9.24 16.24 3.12
C PRO A 153 8.29 17.42 2.92
N LEU A 154 8.75 18.39 2.14
CA LEU A 154 7.85 19.42 1.64
C LEU A 154 6.95 18.79 0.60
N TYR A 155 5.66 18.69 0.91
CA TYR A 155 4.71 18.09 -0.01
C TYR A 155 4.18 19.15 -0.98
N PRO A 156 4.39 19.00 -2.27
CA PRO A 156 3.85 19.99 -3.21
C PRO A 156 2.34 19.86 -3.38
N ARG A 157 1.74 20.97 -3.79
CA ARG A 157 0.31 20.96 -4.08
C ARG A 157 0.06 20.25 -5.40
N ILE A 158 -1.05 19.52 -5.48
CA ILE A 158 -1.47 18.94 -6.76
C ILE A 158 -2.17 20.01 -7.57
N ALA A 159 -1.75 20.18 -8.81
CA ALA A 159 -2.29 21.22 -9.67
C ALA A 159 -3.81 21.10 -9.77
N ASP A 160 -4.49 22.24 -9.74
CA ASP A 160 -5.95 22.24 -9.87
C ASP A 160 -6.34 21.67 -11.23
N GLY A 161 -7.31 20.75 -11.21
CA GLY A 161 -7.70 20.01 -12.39
C GLY A 161 -6.95 18.71 -12.62
N THR A 162 -5.75 18.56 -12.05
CA THR A 162 -5.02 17.30 -12.12
C THR A 162 -5.65 16.29 -11.17
N HIS A 163 -5.77 15.04 -11.65
CA HIS A 163 -6.34 13.95 -10.86
C HIS A 163 -5.24 12.92 -10.61
N LYS A 164 -4.68 12.95 -9.40
CA LYS A 164 -3.73 11.92 -8.98
C LYS A 164 -3.95 11.68 -7.49
N SER A 165 -3.50 10.52 -7.02
CA SER A 165 -3.79 10.17 -5.64
C SER A 165 -2.94 10.96 -4.67
N GLY A 166 -1.70 11.30 -5.05
CA GLY A 166 -0.75 11.85 -4.11
C GLY A 166 -0.37 10.90 -2.99
N GLU A 167 -0.59 9.60 -3.19
CA GLU A 167 -0.44 8.61 -2.13
C GLU A 167 0.97 8.00 -2.17
N SER A 168 1.45 7.59 -1.01
N SER A 168 1.45 7.59 -1.00
CA SER A 168 2.76 6.95 -0.89
CA SER A 168 2.75 6.96 -0.83
C SER A 168 2.62 5.44 -0.84
C SER A 168 2.62 5.44 -0.81
N PRO A 169 3.71 4.70 -1.05
CA PRO A 169 3.65 3.23 -0.88
C PRO A 169 3.31 2.80 0.53
N THR A 170 3.51 3.67 1.53
CA THR A 170 3.14 3.38 2.90
C THR A 170 1.70 3.79 3.23
N HIS A 171 0.94 4.31 2.27
CA HIS A 171 -0.46 4.70 2.46
C HIS A 171 -0.60 5.86 3.45
N PHE A 172 0.45 6.66 3.63
CA PHE A 172 0.46 7.70 4.67
C PHE A 172 -0.64 8.74 4.46
N LYS A 173 -0.92 9.12 3.21
CA LYS A 173 -1.91 10.19 3.00
C LYS A 173 -3.30 9.75 3.45
N ALA A 174 -3.76 8.60 2.94
CA ALA A 174 -5.03 8.06 3.40
C ALA A 174 -5.04 7.83 4.89
N ASP A 175 -3.92 7.34 5.45
CA ASP A 175 -3.92 7.00 6.87
C ASP A 175 -3.99 8.25 7.75
N LEU A 176 -3.28 9.31 7.35
CA LEU A 176 -3.37 10.57 8.08
C LEU A 176 -4.77 11.15 7.98
N ILE A 177 -5.39 11.08 6.80
CA ILE A 177 -6.74 11.59 6.69
C ILE A 177 -7.69 10.79 7.58
N SER A 178 -7.53 9.47 7.58
N SER A 178 -7.52 9.47 7.60
CA SER A 178 -8.34 8.61 8.45
CA SER A 178 -8.34 8.61 8.46
C SER A 178 -8.18 9.00 9.92
C SER A 178 -8.17 8.99 9.93
N TYR A 179 -6.94 9.24 10.36
CA TYR A 179 -6.71 9.67 11.74
C TYR A 179 -7.47 10.97 12.03
N LEU A 180 -7.38 11.94 11.12
CA LEU A 180 -8.07 13.21 11.34
C LEU A 180 -9.58 13.04 11.28
N MET A 181 -10.08 12.13 10.44
N MET A 181 -10.07 12.15 10.41
CA MET A 181 -11.53 11.98 10.33
CA MET A 181 -11.51 11.89 10.29
C MET A 181 -12.14 11.44 11.63
C MET A 181 -12.10 11.48 11.63
N ALA A 182 -11.36 10.69 12.41
CA ALA A 182 -11.88 10.14 13.65
C ALA A 182 -12.28 11.22 14.66
N TYR A 183 -11.72 12.43 14.54
CA TYR A 183 -12.08 13.52 15.45
C TYR A 183 -13.49 14.02 15.22
N ASN A 184 -14.00 13.91 13.98
N ASN A 184 -14.01 13.87 13.99
CA ASN A 184 -15.33 14.39 13.64
CA ASN A 184 -15.31 14.40 13.59
C ASN A 184 -15.46 15.89 13.92
C ASN A 184 -15.44 15.88 13.94
N ALA A 185 -14.45 16.66 13.53
CA ALA A 185 -14.31 18.07 13.91
C ALA A 185 -14.29 18.98 12.70
N PRO A 186 -15.11 20.03 12.67
CA PRO A 186 -15.15 20.90 11.47
C PRO A 186 -13.83 21.56 11.15
N SER A 187 -13.08 22.00 12.18
CA SER A 187 -11.79 22.62 11.90
C SER A 187 -10.81 21.62 11.26
N LEU A 188 -10.96 20.32 11.57
CA LEU A 188 -10.04 19.35 11.00
C LEU A 188 -10.50 18.83 9.65
N LYS A 189 -11.80 18.91 9.34
CA LYS A 189 -12.20 18.66 7.96
C LYS A 189 -11.54 19.66 7.01
N GLU A 190 -11.33 20.90 7.47
CA GLU A 190 -10.59 21.87 6.67
C GLU A 190 -9.18 21.38 6.37
N TRP A 191 -8.51 20.82 7.39
CA TRP A 191 -7.15 20.34 7.18
C TRP A 191 -7.13 19.08 6.32
N ILE A 192 -8.16 18.24 6.45
CA ILE A 192 -8.30 17.08 5.56
C ILE A 192 -8.35 17.55 4.11
N ASP A 193 -9.14 18.58 3.83
CA ASP A 193 -9.22 19.09 2.48
C ASP A 193 -7.88 19.62 2.00
N VAL A 194 -7.10 20.24 2.90
CA VAL A 194 -5.76 20.68 2.54
C VAL A 194 -4.89 19.49 2.14
N ILE A 195 -4.91 18.44 2.96
CA ILE A 195 -4.09 17.27 2.70
C ILE A 195 -4.48 16.62 1.37
N HIS A 196 -5.80 16.53 1.10
CA HIS A 196 -6.27 15.99 -0.17
C HIS A 196 -5.60 16.68 -1.36
N LYS A 197 -5.39 17.99 -1.24
CA LYS A 197 -4.84 18.77 -2.35
C LYS A 197 -3.34 18.65 -2.49
N HIS A 198 -2.65 17.88 -1.63
CA HIS A 198 -1.20 17.83 -1.70
C HIS A 198 -0.72 16.43 -2.03
N ASP A 199 0.51 16.37 -2.56
CA ASP A 199 1.13 15.14 -3.00
C ASP A 199 2.06 14.66 -1.89
N LEU A 200 1.65 13.58 -1.21
CA LEU A 200 2.42 13.02 -0.10
C LEU A 200 3.15 11.74 -0.50
N SER A 201 3.33 11.51 -1.81
CA SER A 201 3.83 10.22 -2.27
C SER A 201 5.27 9.93 -1.84
N GLU A 202 6.06 10.93 -1.47
CA GLU A 202 7.43 10.71 -1.07
C GLU A 202 7.56 10.17 0.35
N THR A 203 6.47 10.04 1.09
CA THR A 203 6.53 9.62 2.48
C THR A 203 6.97 8.17 2.58
N ASN A 204 7.99 7.92 3.41
N ASN A 204 7.99 7.90 3.40
CA ASN A 204 8.53 6.57 3.55
CA ASN A 204 8.52 6.55 3.57
C ASN A 204 8.28 5.97 4.93
C ASN A 204 8.45 6.10 5.03
N VAL A 205 7.48 6.62 5.78
CA VAL A 205 7.12 6.09 7.09
C VAL A 205 5.64 5.69 7.07
N TYR A 206 5.29 4.77 7.95
CA TYR A 206 3.90 4.37 8.21
C TYR A 206 3.36 5.10 9.43
N LEU A 207 2.12 5.59 9.31
CA LEU A 207 1.45 6.23 10.44
C LEU A 207 0.88 5.17 11.39
N ILE A 208 1.13 5.34 12.70
CA ILE A 208 0.52 4.50 13.72
C ILE A 208 -0.19 5.43 14.70
N GLY A 209 -1.51 5.41 14.65
CA GLY A 209 -2.28 6.28 15.52
C GLY A 209 -3.12 5.48 16.50
N SER A 210 -3.49 6.14 17.58
CA SER A 210 -4.54 5.68 18.47
C SER A 210 -5.63 6.74 18.50
N THR A 211 -6.89 6.30 18.49
N THR A 211 -6.89 6.31 18.45
CA THR A 211 -8.01 7.19 18.69
CA THR A 211 -8.03 7.18 18.68
C THR A 211 -9.00 6.49 19.62
C THR A 211 -8.97 6.49 19.65
N PRO A 212 -9.74 7.25 20.42
CA PRO A 212 -10.63 6.61 21.40
C PRO A 212 -11.76 5.85 20.72
N GLY A 213 -12.05 4.66 21.24
CA GLY A 213 -13.18 3.92 20.74
C GLY A 213 -13.09 2.45 21.07
N ARG A 214 -14.07 1.71 20.56
N ARG A 214 -14.06 1.71 20.54
CA ARG A 214 -14.13 0.26 20.69
CA ARG A 214 -14.13 0.25 20.69
C ARG A 214 -14.21 -0.31 19.28
C ARG A 214 -14.23 -0.33 19.29
N PHE A 215 -13.15 -0.95 18.84
CA PHE A 215 -12.96 -1.34 17.44
C PHE A 215 -13.04 -2.84 17.27
N GLN A 216 -13.94 -3.28 16.38
CA GLN A 216 -14.08 -4.70 16.09
C GLN A 216 -14.06 -4.90 14.58
N GLY A 217 -13.92 -6.17 14.18
CA GLY A 217 -14.06 -6.52 12.77
C GLY A 217 -13.05 -5.80 11.90
N SER A 218 -13.57 -5.10 10.88
CA SER A 218 -12.72 -4.44 9.90
C SER A 218 -11.98 -3.23 10.47
N GLN A 219 -12.28 -2.81 11.70
CA GLN A 219 -11.65 -1.65 12.29
C GLN A 219 -10.60 -1.99 13.33
N LYS A 220 -10.52 -3.26 13.77
CA LYS A 220 -9.62 -3.62 14.85
C LYS A 220 -8.16 -3.34 14.49
N ASP A 221 -7.79 -3.47 13.21
CA ASP A 221 -6.42 -3.27 12.78
C ASP A 221 -6.06 -1.82 12.51
N ASN A 222 -6.99 -0.89 12.73
CA ASN A 222 -6.75 0.50 12.34
C ASN A 222 -5.87 1.25 13.32
N TRP A 223 -5.85 0.85 14.59
CA TRP A 223 -5.28 1.70 15.62
C TRP A 223 -4.49 0.88 16.64
N GLY A 224 -3.64 1.58 17.38
CA GLY A 224 -2.99 1.03 18.55
C GLY A 224 -2.09 -0.15 18.24
N HIS A 225 -2.02 -1.08 19.19
CA HIS A 225 -1.02 -2.13 18.98
C HIS A 225 -1.47 -3.14 17.92
N PHE A 226 -2.77 -3.21 17.61
CA PHE A 226 -3.19 -4.02 16.46
C PHE A 226 -2.79 -3.38 15.13
N ARG A 227 -2.74 -2.05 15.07
CA ARG A 227 -2.21 -1.38 13.89
C ARG A 227 -0.75 -1.74 13.68
N LEU A 228 0.04 -1.68 14.75
CA LEU A 228 1.45 -2.08 14.65
C LEU A 228 1.56 -3.52 14.18
N LYS A 229 0.79 -4.41 14.80
CA LYS A 229 0.83 -5.84 14.44
C LYS A 229 0.53 -6.03 12.95
N LYS A 230 -0.50 -5.34 12.45
CA LYS A 230 -0.88 -5.49 11.04
C LYS A 230 0.26 -5.05 10.13
N LEU A 231 0.89 -3.91 10.44
CA LEU A 231 2.00 -3.42 9.63
C LEU A 231 3.19 -4.37 9.65
N LEU A 232 3.49 -4.93 10.82
CA LEU A 232 4.62 -5.86 10.92
C LEU A 232 4.33 -7.16 10.18
N LYS A 233 3.09 -7.60 10.21
CA LYS A 233 2.75 -8.82 9.49
C LYS A 233 2.86 -8.61 7.98
N ASP A 234 2.45 -7.44 7.50
CA ASP A 234 2.35 -7.17 6.07
C ASP A 234 3.63 -6.66 5.44
N HIS A 235 4.51 -6.02 6.21
CA HIS A 235 5.60 -5.25 5.62
C HIS A 235 6.95 -5.53 6.27
N ALA A 236 7.04 -6.50 7.16
CA ALA A 236 8.32 -6.98 7.67
C ALA A 236 8.41 -8.48 7.41
N SER A 237 9.63 -8.97 7.36
CA SER A 237 9.90 -10.38 7.14
C SER A 237 10.48 -10.99 8.42
N SER A 238 10.03 -12.20 8.73
CA SER A 238 10.67 -12.93 9.82
C SER A 238 12.05 -13.41 9.37
N MET A 239 12.95 -13.50 10.33
CA MET A 239 14.28 -14.02 10.07
C MET A 239 14.49 -15.28 10.90
N PRO A 240 15.46 -16.12 10.54
CA PRO A 240 15.82 -17.23 11.42
C PRO A 240 16.26 -16.70 12.77
N ASN A 241 15.96 -17.46 13.82
CA ASN A 241 16.32 -17.07 15.18
C ASN A 241 15.62 -15.77 15.60
N ALA A 242 14.42 -15.54 15.05
CA ALA A 242 13.68 -14.33 15.39
C ALA A 242 13.36 -14.26 16.87
N GLU A 243 13.22 -15.42 17.54
CA GLU A 243 12.93 -15.41 18.96
C GLU A 243 14.08 -14.85 19.78
N SER A 244 15.25 -14.67 19.16
CA SER A 244 16.39 -14.07 19.85
C SER A 244 16.49 -12.57 19.65
N TRP A 245 15.68 -11.99 18.75
CA TRP A 245 15.70 -10.54 18.56
C TRP A 245 14.84 -9.90 19.65
N PRO A 246 15.43 -9.12 20.53
CA PRO A 246 14.65 -8.52 21.62
C PRO A 246 13.64 -7.49 21.12
N VAL A 247 12.75 -7.12 22.04
CA VAL A 247 11.88 -5.97 21.89
C VAL A 247 12.32 -4.92 22.90
N VAL A 248 12.43 -3.67 22.46
CA VAL A 248 12.80 -2.58 23.37
C VAL A 248 11.67 -1.57 23.39
N GLY A 249 11.23 -1.20 24.59
CA GLY A 249 10.24 -0.15 24.77
C GLY A 249 10.81 0.91 25.70
N GLN A 250 10.55 2.17 25.37
CA GLN A 250 11.20 3.29 26.04
C GLN A 250 10.18 4.42 26.15
N PHE A 251 9.93 4.91 27.37
CA PHE A 251 8.72 5.69 27.61
C PHE A 251 8.92 6.58 28.83
N SER A 252 7.98 7.51 29.03
CA SER A 252 8.07 8.45 30.14
C SER A 252 6.96 8.27 31.16
N SER A 253 6.05 7.34 30.95
CA SER A 253 5.06 7.02 31.96
C SER A 253 4.57 5.59 31.75
N VAL A 254 3.99 5.02 32.81
CA VAL A 254 3.48 3.66 32.81
C VAL A 254 2.07 3.70 33.37
N GLY A 255 1.16 2.96 32.73
CA GLY A 255 -0.18 2.81 33.25
C GLY A 255 -0.29 1.59 34.13
N SER A 256 -1.52 1.34 34.59
N SER A 256 -1.52 1.34 34.60
CA SER A 256 -1.81 0.12 35.34
CA SER A 256 -1.82 0.12 35.33
C SER A 256 -1.92 -1.04 34.36
C SER A 256 -1.91 -1.04 34.35
N LEU A 257 -0.98 -1.99 34.46
CA LEU A 257 -0.88 -3.08 33.49
C LEU A 257 -1.46 -4.39 33.97
N GLY A 258 -1.83 -4.49 35.25
CA GLY A 258 -2.40 -5.71 35.78
C GLY A 258 -1.53 -6.33 36.84
N ALA A 259 -2.05 -7.42 37.42
CA ALA A 259 -1.40 -8.05 38.56
C ALA A 259 -0.18 -8.88 38.19
N ASP A 260 0.00 -9.21 36.91
CA ASP A 260 1.18 -9.94 36.48
C ASP A 260 1.35 -9.69 34.98
N GLU A 261 2.47 -10.17 34.45
CA GLU A 261 2.80 -9.88 33.06
C GLU A 261 1.87 -10.56 32.07
N SER A 262 1.16 -11.61 32.48
CA SER A 262 0.27 -12.28 31.55
C SER A 262 -1.04 -11.53 31.30
N LYS A 263 -1.34 -10.50 32.10
CA LYS A 263 -2.61 -9.81 31.97
C LYS A 263 -2.66 -8.96 30.69
N TRP A 264 -1.55 -8.29 30.34
CA TRP A 264 -1.56 -7.44 29.15
C TRP A 264 -0.16 -7.28 28.55
N LEU A 265 0.85 -7.06 29.39
CA LEU A 265 2.18 -6.72 28.89
C LEU A 265 2.74 -7.80 27.98
N CYS A 266 2.77 -9.03 28.46
CA CYS A 266 3.37 -10.11 27.70
C CYS A 266 2.34 -10.92 26.90
N SER A 267 1.05 -10.69 27.12
CA SER A 267 0.06 -11.48 26.41
C SER A 267 -0.38 -10.82 25.11
N GLU A 268 -0.76 -9.54 25.13
CA GLU A 268 -1.13 -8.92 23.87
C GLU A 268 -0.18 -7.83 23.42
N PHE A 269 0.36 -7.01 24.33
CA PHE A 269 1.29 -5.95 23.90
C PHE A 269 2.55 -6.55 23.30
N LYS A 270 3.26 -7.38 24.07
CA LYS A 270 4.47 -8.00 23.55
C LYS A 270 4.17 -8.82 22.30
N GLU A 271 3.03 -9.53 22.30
CA GLU A 271 2.69 -10.37 21.16
C GLU A 271 2.57 -9.55 19.89
N SER A 272 1.93 -8.38 19.97
CA SER A 272 1.89 -7.50 18.81
C SER A 272 3.29 -7.06 18.42
N MET A 273 4.12 -6.69 19.41
CA MET A 273 5.42 -6.14 19.04
C MET A 273 6.39 -7.19 18.53
N LEU A 274 6.17 -8.48 18.84
N LEU A 274 6.19 -8.47 18.82
CA LEU A 274 7.02 -9.55 18.33
CA LEU A 274 7.10 -9.46 18.28
C LEU A 274 6.73 -9.89 16.88
C LEU A 274 6.66 -10.02 16.93
N THR A 275 5.57 -9.51 16.38
CA THR A 275 5.12 -9.97 15.07
C THR A 275 6.13 -9.62 13.97
N LEU A 276 6.39 -10.57 13.08
CA LEU A 276 7.18 -10.31 11.89
C LEU A 276 6.68 -11.22 10.79
N GLY A 277 6.19 -10.65 9.71
CA GLY A 277 5.79 -11.47 8.57
C GLY A 277 4.47 -12.18 8.80
N LYS A 278 4.09 -12.97 7.80
CA LYS A 278 2.72 -13.45 7.64
C LYS A 278 2.47 -14.85 8.20
N GLU A 279 3.50 -15.53 8.70
CA GLU A 279 3.33 -16.90 9.16
C GLU A 279 2.89 -16.93 10.62
N SER A 280 2.73 -18.15 11.14
CA SER A 280 2.26 -18.34 12.51
C SER A 280 3.31 -17.90 13.54
N SER A 286 6.47 -17.19 24.63
CA SER A 286 7.61 -16.63 23.89
C SER A 286 8.76 -16.26 24.80
N SER A 287 9.98 -16.62 24.38
CA SER A 287 11.19 -16.29 25.12
C SER A 287 11.90 -15.07 24.56
N VAL A 288 11.22 -14.27 23.74
CA VAL A 288 11.79 -13.04 23.20
C VAL A 288 12.11 -12.10 24.35
N PRO A 289 13.35 -11.64 24.52
CA PRO A 289 13.65 -10.71 25.62
C PRO A 289 12.92 -9.39 25.44
N LEU A 290 12.41 -8.84 26.53
CA LEU A 290 11.73 -7.54 26.52
C LEU A 290 12.49 -6.59 27.44
N TYR A 291 13.04 -5.52 26.87
CA TYR A 291 13.74 -4.49 27.60
C TYR A 291 12.87 -3.25 27.67
N LEU A 292 12.60 -2.76 28.88
CA LEU A 292 11.87 -1.52 29.08
C LEU A 292 12.82 -0.48 29.68
N ILE A 293 12.89 0.69 29.04
CA ILE A 293 13.79 1.76 29.47
C ILE A 293 12.97 2.87 30.08
N TYR A 294 13.24 3.18 31.35
CA TYR A 294 12.47 4.16 32.11
C TYR A 294 13.38 4.77 33.19
N PRO A 295 13.42 6.09 33.33
CA PRO A 295 14.42 6.70 34.24
C PRO A 295 14.28 6.22 35.68
N SER A 296 15.43 5.88 36.27
CA SER A 296 15.53 5.60 37.69
C SER A 296 15.48 6.90 38.49
N VAL A 297 15.33 6.77 39.82
CA VAL A 297 15.40 7.95 40.67
C VAL A 297 16.75 8.64 40.49
N GLU A 298 17.83 7.85 40.43
N GLU A 298 17.83 7.85 40.42
CA GLU A 298 19.15 8.44 40.28
CA GLU A 298 19.16 8.44 40.27
C GLU A 298 19.30 9.15 38.93
C GLU A 298 19.33 9.12 38.92
N ASN A 299 18.71 8.59 37.87
CA ASN A 299 18.73 9.28 36.57
C ASN A 299 18.12 10.68 36.69
N VAL A 300 17.00 10.78 37.39
CA VAL A 300 16.31 12.07 37.53
C VAL A 300 17.12 13.01 38.42
N ARG A 301 17.58 12.50 39.56
CA ARG A 301 18.28 13.36 40.52
C ARG A 301 19.51 14.03 39.89
N THR A 302 20.29 13.28 39.14
CA THR A 302 21.53 13.80 38.57
C THR A 302 21.32 14.45 37.21
N SER A 303 20.07 14.60 36.77
CA SER A 303 19.76 15.15 35.46
C SER A 303 19.99 16.66 35.43
N LEU A 304 20.02 17.21 34.20
CA LEU A 304 20.20 18.64 34.03
C LEU A 304 19.12 19.43 34.77
N GLU A 305 17.87 18.96 34.72
CA GLU A 305 16.77 19.61 35.42
C GLU A 305 16.73 19.30 36.91
N GLY A 306 17.31 18.18 37.33
CA GLY A 306 17.14 17.72 38.68
C GLY A 306 15.78 17.07 38.87
N TYR A 307 15.39 16.98 40.14
CA TYR A 307 14.09 16.39 40.46
C TYR A 307 12.92 16.98 39.67
N PRO A 308 12.86 18.28 39.36
CA PRO A 308 11.73 18.78 38.56
C PRO A 308 11.53 18.07 37.23
N ALA A 309 12.55 17.38 36.71
CA ALA A 309 12.33 16.55 35.51
C ALA A 309 11.26 15.50 35.77
N GLY A 310 11.15 15.04 37.02
CA GLY A 310 10.17 14.05 37.41
C GLY A 310 8.73 14.51 37.33
N GLY A 311 8.48 15.81 37.23
CA GLY A 311 7.15 16.29 36.94
C GLY A 311 6.64 15.85 35.57
N SER A 312 7.55 15.47 34.66
CA SER A 312 7.18 15.01 33.33
C SER A 312 7.36 13.52 33.17
N LEU A 313 7.48 12.80 34.29
CA LEU A 313 7.59 11.34 34.35
C LEU A 313 6.54 10.86 35.34
N PRO A 314 5.25 10.92 34.99
CA PRO A 314 4.18 10.87 36.02
C PRO A 314 3.71 9.47 36.38
N TYR A 315 4.65 8.62 36.80
CA TYR A 315 4.37 7.28 37.32
C TYR A 315 4.01 7.42 38.80
N SER A 316 2.77 7.11 39.16
CA SER A 316 2.31 7.35 40.52
C SER A 316 2.52 6.11 41.41
N ILE A 317 2.69 6.37 42.71
CA ILE A 317 2.92 5.27 43.65
C ILE A 317 1.73 4.33 43.70
N GLN A 318 0.51 4.88 43.53
CA GLN A 318 -0.68 4.04 43.56
C GLN A 318 -0.63 2.99 42.45
N THR A 319 -0.21 3.40 41.26
CA THR A 319 -0.07 2.46 40.16
C THR A 319 1.06 1.49 40.42
N ALA A 320 2.21 1.99 40.86
CA ALA A 320 3.43 1.19 40.89
C ALA A 320 3.35 0.08 41.92
N GLU A 321 2.76 0.36 43.10
CA GLU A 321 2.73 -0.66 44.13
C GLU A 321 1.81 -1.83 43.77
N LYS A 322 0.96 -1.66 42.75
CA LYS A 322 0.12 -2.75 42.26
C LYS A 322 0.87 -3.66 41.30
N GLN A 323 2.06 -3.30 40.86
CA GLN A 323 2.73 -4.05 39.80
C GLN A 323 4.25 -4.04 39.99
N ASN A 324 4.71 -4.37 41.20
CA ASN A 324 6.15 -4.47 41.41
C ASN A 324 6.80 -5.50 40.49
N TRP A 325 6.03 -6.48 40.00
CA TRP A 325 6.58 -7.43 39.04
C TRP A 325 7.18 -6.72 37.82
N LEU A 326 6.60 -5.58 37.44
CA LEU A 326 7.03 -4.86 36.23
C LEU A 326 8.47 -4.37 36.34
N HIS A 327 8.91 -4.02 37.54
CA HIS A 327 10.14 -3.26 37.62
C HIS A 327 11.38 -4.11 37.35
N SER A 328 11.26 -5.44 37.38
N SER A 328 11.26 -5.44 37.38
CA SER A 328 12.38 -6.29 36.99
CA SER A 328 12.40 -6.28 36.98
C SER A 328 12.70 -6.16 35.50
C SER A 328 12.66 -6.22 35.48
N TYR A 329 11.81 -5.55 34.71
CA TYR A 329 12.01 -5.32 33.29
C TYR A 329 12.73 -4.00 33.02
N PHE A 330 12.93 -3.17 34.03
CA PHE A 330 13.32 -1.78 33.85
C PHE A 330 14.82 -1.62 33.70
N HIS A 331 15.20 -0.77 32.75
CA HIS A 331 16.59 -0.46 32.43
C HIS A 331 16.77 1.05 32.51
N LYS A 332 17.97 1.48 32.90
CA LYS A 332 18.25 2.89 33.11
C LYS A 332 18.21 3.66 31.81
N TRP A 333 17.99 4.97 31.93
CA TRP A 333 18.17 5.86 30.79
C TRP A 333 19.66 6.12 30.63
N SER A 334 20.17 5.84 29.43
CA SER A 334 21.57 6.11 29.13
C SER A 334 21.63 6.52 27.66
N ALA A 335 22.24 7.66 27.37
CA ALA A 335 22.29 8.13 25.99
C ALA A 335 23.61 8.83 25.69
N GLU A 336 24.72 8.16 26.04
CA GLU A 336 26.02 8.72 25.69
C GLU A 336 26.14 8.93 24.18
N THR A 337 25.49 8.06 23.39
CA THR A 337 25.58 8.17 21.94
C THR A 337 25.11 9.53 21.44
N SER A 338 24.18 10.18 22.14
CA SER A 338 23.69 11.49 21.75
C SER A 338 24.00 12.55 22.79
N GLY A 339 24.93 12.26 23.71
CA GLY A 339 25.29 13.19 24.76
C GLY A 339 24.14 13.57 25.68
N ARG A 340 23.13 12.70 25.81
CA ARG A 340 21.88 13.07 26.45
C ARG A 340 21.55 12.22 27.66
N SER A 341 22.54 11.57 28.29
CA SER A 341 22.25 10.78 29.48
C SER A 341 21.63 11.63 30.59
N ASN A 342 21.94 12.91 30.65
CA ASN A 342 21.40 13.77 31.69
C ASN A 342 20.20 14.60 31.21
N ALA A 343 19.70 14.33 30.02
CA ALA A 343 18.53 15.03 29.48
C ALA A 343 17.38 14.04 29.53
N MET A 344 16.49 14.20 30.51
CA MET A 344 15.53 13.13 30.77
C MET A 344 14.60 12.93 29.57
N PRO A 345 14.21 11.69 29.30
CA PRO A 345 13.43 11.39 28.10
C PRO A 345 11.96 11.73 28.27
N HIS A 346 11.43 12.47 27.31
CA HIS A 346 10.01 12.55 27.08
C HIS A 346 9.62 12.00 25.71
N ILE A 347 10.62 11.68 24.88
CA ILE A 347 10.42 10.85 23.71
C ILE A 347 9.90 9.47 24.15
N LYS A 348 9.16 8.81 23.27
CA LYS A 348 8.79 7.41 23.45
C LYS A 348 9.20 6.68 22.19
N THR A 349 9.86 5.53 22.35
CA THR A 349 10.31 4.76 21.20
C THR A 349 10.14 3.28 21.47
N TYR A 350 9.93 2.52 20.39
CA TYR A 350 9.83 1.07 20.43
C TYR A 350 10.61 0.53 19.25
N MET A 351 11.36 -0.55 19.45
CA MET A 351 12.14 -1.07 18.33
C MET A 351 12.47 -2.54 18.53
N ARG A 352 13.01 -3.16 17.48
CA ARG A 352 13.30 -4.60 17.46
C ARG A 352 14.74 -4.86 17.05
N PRO A 353 15.67 -4.77 17.99
CA PRO A 353 17.09 -4.99 17.66
C PRO A 353 17.41 -6.46 17.45
N SER A 354 18.54 -6.68 16.77
CA SER A 354 19.12 -8.01 16.63
C SER A 354 19.70 -8.45 17.98
N PRO A 355 20.04 -9.73 18.13
CA PRO A 355 20.56 -10.19 19.44
C PRO A 355 21.81 -9.49 19.90
N ASP A 356 22.64 -8.97 19.00
CA ASP A 356 23.81 -8.20 19.37
C ASP A 356 23.60 -6.69 19.25
N PHE A 357 22.35 -6.25 19.06
CA PHE A 357 21.98 -4.83 19.01
C PHE A 357 22.69 -4.06 17.89
N SER A 358 23.21 -4.77 16.88
CA SER A 358 23.89 -4.10 15.79
C SER A 358 22.96 -3.73 14.64
N LYS A 359 21.79 -4.36 14.56
CA LYS A 359 20.76 -4.06 13.57
C LYS A 359 19.42 -3.89 14.28
N ILE A 360 18.45 -3.32 13.57
CA ILE A 360 17.08 -3.29 14.06
C ILE A 360 16.15 -3.63 12.91
N ALA A 361 15.09 -4.37 13.23
CA ALA A 361 14.11 -4.74 12.23
C ALA A 361 13.09 -3.64 11.97
N TRP A 362 12.98 -2.67 12.88
CA TRP A 362 12.06 -1.53 12.76
C TRP A 362 12.25 -0.62 13.96
N PHE A 363 11.76 0.61 13.82
CA PHE A 363 11.86 1.64 14.84
C PHE A 363 10.58 2.47 14.79
N LEU A 364 10.01 2.74 15.95
CA LEU A 364 8.82 3.57 16.07
C LEU A 364 9.11 4.69 17.05
N VAL A 365 8.78 5.94 16.66
CA VAL A 365 8.76 7.05 17.59
C VAL A 365 7.32 7.51 17.72
N THR A 366 6.87 7.79 18.94
CA THR A 366 5.45 7.97 19.15
C THR A 366 5.22 8.79 20.42
N SER A 367 3.96 9.21 20.60
CA SER A 367 3.50 9.79 21.87
C SER A 367 3.08 8.71 22.87
N ALA A 368 2.94 7.46 22.44
CA ALA A 368 2.29 6.44 23.25
C ALA A 368 3.23 5.92 24.33
N ASN A 369 2.82 6.08 25.59
CA ASN A 369 3.52 5.51 26.73
C ASN A 369 3.15 4.04 26.91
N LEU A 370 3.73 3.41 27.95
CA LEU A 370 3.46 1.99 28.19
C LEU A 370 2.14 1.90 28.97
N SER A 371 1.03 1.94 28.23
CA SER A 371 -0.26 1.95 28.89
C SER A 371 -1.34 1.37 27.97
N LYS A 372 -2.33 0.73 28.59
CA LYS A 372 -3.50 0.23 27.86
C LYS A 372 -4.31 1.36 27.26
N ALA A 373 -4.34 2.51 27.94
CA ALA A 373 -5.08 3.66 27.44
C ALA A 373 -4.54 4.08 26.08
N ALA A 374 -3.21 4.05 25.92
CA ALA A 374 -2.53 4.51 24.70
C ALA A 374 -2.54 3.46 23.60
N TRP A 375 -2.30 2.20 23.95
CA TRP A 375 -2.09 1.14 22.97
C TRP A 375 -3.32 0.32 22.69
N GLY A 376 -4.30 0.37 23.58
CA GLY A 376 -5.52 -0.44 23.48
C GLY A 376 -5.42 -1.73 24.28
N ALA A 377 -6.59 -2.21 24.73
CA ALA A 377 -6.70 -3.48 25.42
C ALA A 377 -7.89 -4.24 24.85
N LEU A 378 -7.69 -5.53 24.62
CA LEU A 378 -8.75 -6.37 24.06
C LEU A 378 -9.88 -6.54 25.07
N GLU A 379 -11.11 -6.46 24.56
CA GLU A 379 -12.34 -6.63 25.32
C GLU A 379 -13.24 -7.60 24.59
N LYS A 380 -14.34 -7.99 25.26
CA LYS A 380 -15.40 -8.82 24.68
C LYS A 380 -14.86 -10.09 24.06
N ASN A 381 -14.20 -10.90 24.89
CA ASN A 381 -13.72 -12.21 24.46
C ASN A 381 -12.73 -12.09 23.32
N GLY A 382 -11.91 -11.05 23.36
CA GLY A 382 -10.87 -10.85 22.36
C GLY A 382 -11.33 -10.29 21.04
N THR A 383 -12.58 -9.84 20.91
CA THR A 383 -13.11 -9.39 19.64
C THR A 383 -13.09 -7.88 19.48
N GLN A 384 -12.74 -7.14 20.52
CA GLN A 384 -12.86 -5.69 20.50
C GLN A 384 -11.61 -5.08 21.11
N LEU A 385 -11.04 -4.08 20.43
CA LEU A 385 -9.89 -3.34 20.95
C LEU A 385 -10.39 -1.99 21.45
N MET A 386 -10.24 -1.74 22.76
CA MET A 386 -10.70 -0.50 23.36
C MET A 386 -9.51 0.40 23.63
N ILE A 387 -9.59 1.62 23.12
CA ILE A 387 -8.55 2.64 23.27
C ILE A 387 -9.18 3.86 23.92
N ARG A 388 -8.47 4.46 24.88
CA ARG A 388 -9.01 5.63 25.57
C ARG A 388 -8.54 6.95 25.00
N SER A 389 -7.36 6.96 24.36
CA SER A 389 -6.64 8.21 24.13
C SER A 389 -6.33 8.40 22.66
N TYR A 390 -5.95 9.63 22.33
CA TYR A 390 -5.34 9.96 21.05
C TYR A 390 -3.82 9.85 21.18
N GLU A 391 -3.20 9.09 20.28
CA GLU A 391 -1.76 8.97 20.19
C GLU A 391 -1.35 8.99 18.73
N LEU A 392 -0.09 9.36 18.47
CA LEU A 392 0.41 9.32 17.10
C LEU A 392 1.91 9.09 17.06
N GLY A 393 2.34 8.26 16.11
CA GLY A 393 3.75 8.00 15.91
C GLY A 393 3.99 7.62 14.47
N VAL A 394 5.27 7.45 14.12
CA VAL A 394 5.63 7.00 12.78
C VAL A 394 6.57 5.80 12.91
N LEU A 395 6.38 4.83 12.01
CA LEU A 395 7.10 3.57 12.00
C LEU A 395 8.08 3.53 10.82
N PHE A 396 9.34 3.26 11.11
CA PHE A 396 10.37 3.08 10.10
C PHE A 396 10.57 1.59 9.88
N LEU A 397 10.25 1.12 8.66
CA LEU A 397 10.41 -0.28 8.29
C LEU A 397 11.45 -0.39 7.19
N PRO A 398 12.40 -1.33 7.31
CA PRO A 398 13.44 -1.46 6.27
C PRO A 398 12.87 -1.62 4.87
N SER A 399 11.78 -2.37 4.71
CA SER A 399 11.19 -2.57 3.38
C SER A 399 10.82 -1.24 2.72
N ALA A 400 10.40 -0.25 3.52
CA ALA A 400 10.06 1.04 2.95
C ALA A 400 11.28 1.79 2.44
N PHE A 401 12.49 1.29 2.72
CA PHE A 401 13.71 1.92 2.26
C PHE A 401 14.51 1.01 1.35
N GLY A 402 13.92 -0.11 0.92
CA GLY A 402 14.63 -1.03 0.06
C GLY A 402 15.65 -1.88 0.80
N LEU A 403 15.44 -2.11 2.08
CA LEU A 403 16.42 -2.78 2.92
C LEU A 403 15.79 -3.95 3.65
N ASP A 404 16.64 -4.86 4.13
CA ASP A 404 16.15 -5.97 4.94
C ASP A 404 16.18 -5.66 6.42
N SER A 405 17.12 -4.81 6.84
CA SER A 405 17.23 -4.35 8.21
C SER A 405 17.93 -3.01 8.19
N PHE A 406 17.90 -2.31 9.32
CA PHE A 406 18.67 -1.10 9.52
C PHE A 406 19.91 -1.42 10.37
N LYS A 407 21.06 -0.91 9.96
N LYS A 407 21.06 -0.95 9.92
CA LYS A 407 22.23 -0.91 10.83
CA LYS A 407 22.20 -0.91 10.84
C LYS A 407 22.10 0.22 11.84
C LYS A 407 21.96 0.18 11.88
N VAL A 408 22.44 -0.06 13.10
CA VAL A 408 22.33 0.94 14.14
C VAL A 408 23.51 1.91 14.03
N LYS A 409 23.22 3.21 13.99
CA LYS A 409 24.27 4.22 13.96
C LYS A 409 25.01 4.22 15.30
N GLN A 410 26.34 4.19 15.25
CA GLN A 410 27.10 3.99 16.48
C GLN A 410 27.15 5.26 17.33
N LYS A 411 27.36 6.41 16.70
CA LYS A 411 27.28 7.70 17.36
C LYS A 411 26.18 8.51 16.69
N PHE A 412 25.20 8.96 17.48
CA PHE A 412 23.97 9.53 16.91
C PHE A 412 24.26 10.68 15.96
N PHE A 413 25.22 11.54 16.31
CA PHE A 413 25.52 12.73 15.52
C PHE A 413 26.76 12.57 14.62
N ALA A 414 27.23 11.35 14.42
CA ALA A 414 28.42 11.11 13.61
C ALA A 414 28.04 11.02 12.13
N GLY A 415 28.95 10.51 11.31
CA GLY A 415 28.73 10.38 9.88
C GLY A 415 28.25 9.00 9.47
N PRO A 419 27.89 5.46 5.81
CA PRO A 419 26.77 5.47 4.86
C PRO A 419 25.43 5.81 5.53
N MET A 420 24.66 6.70 4.90
CA MET A 420 23.45 7.27 5.48
C MET A 420 22.32 6.26 5.68
N ALA A 421 22.52 4.98 5.37
CA ALA A 421 21.52 3.95 5.55
C ALA A 421 21.57 3.30 6.94
N THR A 422 22.10 3.98 7.94
CA THR A 422 22.14 3.47 9.30
C THR A 422 21.18 4.30 10.16
N PHE A 423 20.46 3.62 11.05
CA PHE A 423 19.39 4.37 11.71
C PHE A 423 19.89 5.01 13.00
N PRO A 424 19.53 6.28 13.26
CA PRO A 424 20.07 6.97 14.43
C PRO A 424 19.26 6.67 15.70
N VAL A 425 19.61 5.58 16.38
CA VAL A 425 19.00 5.27 17.68
C VAL A 425 19.54 6.27 18.70
N PRO A 426 18.68 7.00 19.42
CA PRO A 426 19.17 8.11 20.24
C PRO A 426 19.65 7.75 21.63
N TYR A 427 19.58 6.50 22.05
CA TYR A 427 20.10 6.12 23.35
C TYR A 427 20.95 4.85 23.20
N ASP A 428 21.62 4.47 24.29
CA ASP A 428 22.67 3.46 24.21
C ASP A 428 22.09 2.06 24.18
N LEU A 429 22.77 1.18 23.44
CA LEU A 429 22.49 -0.24 23.40
C LEU A 429 23.75 -1.03 23.75
N PRO A 430 23.62 -2.17 24.43
CA PRO A 430 22.38 -2.71 24.99
C PRO A 430 21.93 -1.86 26.19
N PRO A 431 20.65 -1.88 26.50
CA PRO A 431 20.17 -1.14 27.68
C PRO A 431 20.73 -1.78 28.94
N GLU A 432 20.87 -0.97 29.98
CA GLU A 432 21.52 -1.40 31.22
C GLU A 432 20.47 -1.63 32.30
N LEU A 433 20.45 -2.83 32.87
CA LEU A 433 19.45 -3.13 33.88
C LEU A 433 19.64 -2.24 35.11
N TYR A 434 18.52 -1.91 35.76
CA TYR A 434 18.60 -1.25 37.06
C TYR A 434 19.51 -2.05 37.99
N GLY A 435 20.33 -1.34 38.76
CA GLY A 435 21.04 -1.96 39.85
C GLY A 435 20.12 -2.26 41.03
N SER A 436 20.62 -3.08 41.96
CA SER A 436 19.77 -3.54 43.05
C SER A 436 19.27 -2.39 43.92
N LYS A 437 20.03 -1.29 43.95
CA LYS A 437 19.64 -0.12 44.73
C LYS A 437 18.82 0.89 43.92
N ASP A 438 18.64 0.65 42.63
CA ASP A 438 17.86 1.58 41.84
C ASP A 438 16.36 1.33 42.03
N ARG A 439 15.57 2.36 41.80
CA ARG A 439 14.12 2.32 41.85
C ARG A 439 13.59 3.11 40.67
N PRO A 440 12.44 2.74 40.14
CA PRO A 440 11.86 3.58 39.07
C PRO A 440 11.46 4.93 39.63
N TRP A 441 11.61 5.96 38.81
CA TRP A 441 11.12 7.27 39.24
C TRP A 441 9.61 7.22 39.47
N ILE A 442 9.19 7.62 40.67
CA ILE A 442 7.78 7.67 41.03
C ILE A 442 7.49 9.10 41.51
N TRP A 443 6.59 9.81 40.83
CA TRP A 443 6.62 11.26 40.92
C TRP A 443 5.96 11.81 42.18
N ASN A 444 5.12 11.03 42.86
CA ASN A 444 4.33 11.57 43.97
C ASN A 444 4.71 10.94 45.32
N ILE A 445 5.99 10.62 45.49
CA ILE A 445 6.56 10.31 46.80
C ILE A 445 7.80 11.19 46.98
N PRO A 446 8.21 11.43 48.23
CA PRO A 446 9.36 12.31 48.45
C PRO A 446 10.71 11.61 48.28
N TYR A 447 11.70 12.41 47.88
CA TYR A 447 13.10 11.97 47.84
C TYR A 447 13.91 13.02 48.59
N VAL A 448 14.41 12.65 49.77
CA VAL A 448 15.06 13.60 50.66
C VAL A 448 16.41 13.06 51.11
N LYS A 449 16.88 12.00 50.46
CA LYS A 449 18.11 11.32 50.84
C LYS A 449 19.34 12.03 50.29
N ALA A 450 19.24 12.58 49.07
CA ALA A 450 20.37 13.21 48.40
C ALA A 450 19.83 14.30 47.48
N PRO A 451 20.46 15.46 47.43
CA PRO A 451 19.92 16.59 46.67
C PRO A 451 20.24 16.49 45.18
N ASP A 452 19.48 17.24 44.38
CA ASP A 452 19.62 17.13 42.93
C ASP A 452 20.68 18.13 42.46
N THR A 453 20.80 18.28 41.14
CA THR A 453 21.85 19.11 40.56
C THR A 453 21.65 20.59 40.82
N HIS A 454 20.52 20.97 41.38
CA HIS A 454 20.24 22.35 41.75
C HIS A 454 20.25 22.56 43.24
N GLY A 455 20.58 21.53 44.02
CA GLY A 455 20.67 21.63 45.46
C GLY A 455 19.41 21.31 46.22
N ASN A 456 18.38 20.78 45.56
CA ASN A 456 17.06 20.61 46.18
C ASN A 456 16.67 19.16 46.36
N MET A 457 15.74 18.93 47.28
CA MET A 457 15.06 17.65 47.44
C MET A 457 13.74 17.66 46.68
N TRP A 458 13.00 16.56 46.78
CA TRP A 458 11.70 16.41 46.11
C TRP A 458 10.67 16.10 47.18
N VAL A 459 9.76 17.06 47.43
CA VAL A 459 8.71 16.87 48.43
C VAL A 459 7.38 17.22 47.78
N PRO A 460 6.69 16.26 47.16
CA PRO A 460 5.41 16.50 46.48
C PRO A 460 4.23 16.62 47.44
N ASN B 15 -3.56 11.35 -21.14
CA ASN B 15 -4.37 10.48 -20.30
C ASN B 15 -3.53 9.85 -19.20
N PRO B 16 -4.17 9.50 -18.09
CA PRO B 16 -3.41 8.83 -17.02
C PRO B 16 -3.43 7.31 -17.18
N PHE B 17 -4.33 6.78 -18.00
CA PHE B 17 -4.61 5.36 -17.92
C PHE B 17 -3.66 4.51 -18.76
N GLN B 18 -3.18 5.02 -19.88
CA GLN B 18 -2.22 4.29 -20.72
C GLN B 18 -2.78 2.93 -21.13
N PHE B 19 -4.06 2.91 -21.47
CA PHE B 19 -4.74 1.72 -21.95
C PHE B 19 -5.00 1.89 -23.43
N TYR B 20 -4.53 0.94 -24.23
CA TYR B 20 -4.56 1.06 -25.68
C TYR B 20 -5.20 -0.17 -26.29
N LEU B 21 -5.72 0.00 -27.50
CA LEU B 21 -6.08 -1.13 -28.33
C LEU B 21 -5.01 -1.37 -29.39
N THR B 22 -4.96 -2.59 -29.90
CA THR B 22 -4.06 -2.88 -31.01
C THR B 22 -4.65 -2.32 -32.30
N ARG B 23 -3.77 -2.03 -33.24
CA ARG B 23 -4.19 -1.58 -34.57
C ARG B 23 -5.01 -2.66 -35.27
N VAL B 24 -6.06 -2.24 -35.99
CA VAL B 24 -6.91 -3.16 -36.73
C VAL B 24 -6.81 -2.83 -38.21
N SER B 25 -6.41 -3.80 -39.01
N SER B 25 -6.40 -3.81 -39.01
CA SER B 25 -6.33 -3.60 -40.45
CA SER B 25 -6.34 -3.63 -40.45
C SER B 25 -7.71 -3.73 -41.07
C SER B 25 -7.75 -3.70 -41.03
N GLY B 26 -8.08 -2.77 -41.92
CA GLY B 26 -9.35 -2.81 -42.59
C GLY B 26 -10.45 -1.99 -41.95
N VAL B 27 -10.12 -1.15 -40.97
CA VAL B 27 -11.04 -0.12 -40.49
C VAL B 27 -10.47 1.24 -40.87
N LYS B 28 -11.33 2.25 -40.82
CA LYS B 28 -10.90 3.59 -41.18
C LYS B 28 -9.78 4.07 -40.26
N PRO B 29 -8.85 4.89 -40.79
CA PRO B 29 -7.72 5.35 -39.97
C PRO B 29 -8.12 6.03 -38.67
N LYS B 30 -9.28 6.67 -38.62
CA LYS B 30 -9.70 7.34 -37.39
C LYS B 30 -9.86 6.36 -36.24
N TYR B 31 -10.12 5.10 -36.55
CA TYR B 31 -10.24 4.06 -35.52
C TYR B 31 -8.91 3.46 -35.13
N ASN B 32 -7.81 3.87 -35.75
CA ASN B 32 -6.49 3.43 -35.37
C ASN B 32 -5.62 4.56 -34.83
N SER B 33 -6.16 5.78 -34.71
CA SER B 33 -5.32 6.92 -34.34
C SER B 33 -4.67 6.71 -32.97
N GLY B 34 -5.45 6.31 -31.97
CA GLY B 34 -4.85 6.04 -30.68
C GLY B 34 -4.40 4.61 -30.43
N ALA B 35 -4.28 3.79 -31.46
CA ALA B 35 -4.00 2.37 -31.30
C ALA B 35 -2.51 2.12 -31.45
N LEU B 36 -2.07 0.94 -30.98
CA LEU B 36 -0.65 0.58 -30.99
C LEU B 36 -0.46 -0.74 -31.71
N HIS B 37 0.50 -0.77 -32.64
CA HIS B 37 0.97 -2.03 -33.18
C HIS B 37 2.21 -2.47 -32.42
N ILE B 38 2.53 -3.75 -32.50
CA ILE B 38 3.70 -4.24 -31.77
C ILE B 38 4.96 -3.50 -32.21
N LYS B 39 5.05 -3.15 -33.50
CA LYS B 39 6.20 -2.38 -33.95
C LYS B 39 6.29 -1.02 -33.26
N ASP B 40 5.15 -0.43 -32.89
CA ASP B 40 5.19 0.83 -32.15
C ASP B 40 5.74 0.62 -30.75
N ILE B 41 5.35 -0.47 -30.09
CA ILE B 41 5.77 -0.70 -28.71
C ILE B 41 7.28 -0.90 -28.66
N LEU B 42 7.85 -1.56 -29.67
CA LEU B 42 9.26 -1.91 -29.69
C LEU B 42 10.12 -0.86 -30.37
N SER B 43 9.51 0.24 -30.82
CA SER B 43 10.22 1.28 -31.55
C SER B 43 11.31 1.92 -30.69
N PRO B 44 12.37 2.42 -31.31
N PRO B 44 12.37 2.42 -31.31
CA PRO B 44 13.37 3.17 -30.54
CA PRO B 44 13.38 3.18 -30.54
C PRO B 44 12.80 4.44 -29.91
C PRO B 44 12.80 4.43 -29.90
N LEU B 45 11.64 4.89 -30.36
CA LEU B 45 10.97 6.00 -29.69
C LEU B 45 10.55 5.64 -28.27
N PHE B 46 10.36 4.35 -27.97
CA PHE B 46 9.97 3.92 -26.63
C PHE B 46 11.16 3.71 -25.70
N GLY B 47 12.37 3.66 -26.23
CA GLY B 47 13.58 3.47 -25.44
C GLY B 47 14.62 2.72 -26.24
N THR B 48 15.88 2.84 -25.80
CA THR B 48 17.00 2.17 -26.44
C THR B 48 17.16 0.78 -25.84
N LEU B 49 16.65 -0.23 -26.55
CA LEU B 49 16.49 -1.55 -25.98
C LEU B 49 17.84 -2.21 -25.69
N VAL B 50 17.96 -2.79 -24.50
CA VAL B 50 19.12 -3.57 -24.10
C VAL B 50 18.81 -5.05 -24.06
N SER B 51 17.63 -5.41 -23.59
N SER B 51 17.60 -5.41 -23.64
CA SER B 51 17.17 -6.79 -23.52
CA SER B 51 17.20 -6.79 -23.39
C SER B 51 15.67 -6.77 -23.33
C SER B 51 15.68 -6.79 -23.22
N SER B 52 15.05 -7.93 -23.52
CA SER B 52 13.61 -8.04 -23.38
C SER B 52 13.19 -9.45 -22.96
N ALA B 53 12.07 -9.54 -22.26
CA ALA B 53 11.42 -10.81 -21.98
C ALA B 53 10.02 -10.76 -22.58
N GLN B 54 9.64 -11.83 -23.26
CA GLN B 54 8.31 -11.97 -23.85
C GLN B 54 7.61 -13.15 -23.20
N PHE B 55 6.69 -12.85 -22.28
CA PHE B 55 5.81 -13.86 -21.69
C PHE B 55 4.62 -14.01 -22.63
N ASN B 56 4.26 -15.26 -22.97
CA ASN B 56 3.11 -15.47 -23.84
C ASN B 56 2.72 -16.93 -23.87
N TYR B 57 1.69 -17.22 -24.66
CA TYR B 57 1.20 -18.57 -24.89
C TYR B 57 1.74 -19.12 -26.22
N CYS B 58 1.50 -18.40 -27.32
CA CYS B 58 1.84 -18.82 -28.67
C CYS B 58 2.83 -17.83 -29.28
N PHE B 59 3.83 -18.36 -30.00
CA PHE B 59 4.88 -17.54 -30.58
C PHE B 59 5.09 -17.93 -32.05
N ASP B 60 5.27 -16.92 -32.90
CA ASP B 60 5.87 -17.09 -34.23
C ASP B 60 7.19 -16.34 -34.17
N VAL B 61 8.28 -17.07 -33.96
CA VAL B 61 9.55 -16.41 -33.64
C VAL B 61 10.09 -15.64 -34.83
N ASP B 62 9.97 -16.20 -36.04
N ASP B 62 9.96 -16.19 -36.04
CA ASP B 62 10.37 -15.45 -37.23
CA ASP B 62 10.37 -15.47 -37.24
C ASP B 62 9.63 -14.13 -37.32
C ASP B 62 9.63 -14.14 -37.36
N TRP B 63 8.31 -14.16 -37.14
CA TRP B 63 7.52 -12.93 -37.15
C TRP B 63 7.92 -12.01 -36.01
N LEU B 64 8.11 -12.58 -34.81
CA LEU B 64 8.40 -11.75 -33.64
C LEU B 64 9.68 -10.95 -33.83
N VAL B 65 10.75 -11.59 -34.30
CA VAL B 65 12.00 -10.88 -34.46
C VAL B 65 11.85 -9.74 -35.47
N LYS B 66 11.03 -9.95 -36.51
CA LYS B 66 10.81 -8.89 -37.49
C LYS B 66 10.09 -7.68 -36.91
N GLN B 67 9.43 -7.83 -35.76
CA GLN B 67 8.76 -6.69 -35.15
C GLN B 67 9.71 -5.84 -34.33
N TYR B 68 10.85 -6.39 -33.93
CA TYR B 68 11.85 -5.55 -33.30
C TYR B 68 12.54 -4.69 -34.37
N PRO B 69 12.91 -3.46 -34.05
CA PRO B 69 13.67 -2.65 -35.00
C PRO B 69 14.96 -3.35 -35.36
N PRO B 70 15.44 -3.19 -36.59
CA PRO B 70 16.68 -3.87 -37.00
C PRO B 70 17.82 -3.70 -36.01
N GLU B 71 18.00 -2.49 -35.49
CA GLU B 71 19.09 -2.21 -34.57
C GLU B 71 18.97 -2.93 -33.23
N PHE B 72 17.84 -3.58 -32.95
CA PHE B 72 17.63 -4.27 -31.68
C PHE B 72 17.48 -5.78 -31.83
N ARG B 73 17.51 -6.30 -33.07
CA ARG B 73 17.09 -7.68 -33.29
C ARG B 73 18.07 -8.70 -32.75
N LYS B 74 19.29 -8.30 -32.41
CA LYS B 74 20.24 -9.21 -31.82
C LYS B 74 20.36 -9.05 -30.31
N LYS B 75 19.72 -8.04 -29.72
CA LYS B 75 19.67 -7.95 -28.26
C LYS B 75 19.02 -9.21 -27.70
N PRO B 76 19.39 -9.61 -26.48
CA PRO B 76 18.86 -10.87 -25.94
C PRO B 76 17.36 -10.82 -25.74
N ILE B 77 16.71 -11.95 -26.01
CA ILE B 77 15.26 -12.09 -25.84
C ILE B 77 15.00 -13.38 -25.06
N LEU B 78 14.20 -13.28 -24.01
CA LEU B 78 13.77 -14.45 -23.25
C LEU B 78 12.30 -14.72 -23.56
N LEU B 79 12.00 -15.92 -24.04
CA LEU B 79 10.64 -16.36 -24.30
C LEU B 79 10.14 -17.21 -23.14
N VAL B 80 9.11 -16.74 -22.45
CA VAL B 80 8.52 -17.47 -21.32
C VAL B 80 7.22 -18.11 -21.81
N HIS B 81 7.15 -19.44 -21.75
CA HIS B 81 6.09 -20.24 -22.34
C HIS B 81 5.75 -21.39 -21.41
N GLY B 82 4.75 -22.18 -21.77
CA GLY B 82 4.35 -23.32 -20.96
C GLY B 82 4.34 -24.63 -21.72
N ASP B 83 4.95 -24.63 -22.91
CA ASP B 83 4.85 -25.78 -23.81
C ASP B 83 5.61 -26.98 -23.27
N LYS B 84 5.07 -28.18 -23.51
CA LYS B 84 5.67 -29.42 -23.07
C LYS B 84 5.84 -30.38 -24.24
N ARG B 85 6.78 -31.31 -24.09
CA ARG B 85 6.93 -32.48 -24.99
C ARG B 85 7.14 -31.99 -26.41
N GLU B 86 6.30 -32.38 -27.38
CA GLU B 86 6.58 -32.07 -28.77
C GLU B 86 6.37 -30.58 -29.06
N ALA B 87 5.38 -29.95 -28.40
CA ALA B 87 5.19 -28.52 -28.55
C ALA B 87 6.42 -27.75 -28.08
N LYS B 88 7.01 -28.17 -26.95
CA LYS B 88 8.24 -27.54 -26.48
C LYS B 88 9.36 -27.68 -27.50
N ALA B 89 9.51 -28.88 -28.08
CA ALA B 89 10.54 -29.09 -29.09
C ALA B 89 10.33 -28.17 -30.29
N HIS B 90 9.08 -27.98 -30.71
CA HIS B 90 8.83 -27.13 -31.86
C HIS B 90 9.24 -25.69 -31.61
N LEU B 91 8.95 -25.17 -30.41
CA LEU B 91 9.31 -23.79 -30.10
C LEU B 91 10.82 -23.61 -30.07
N HIS B 92 11.54 -24.55 -29.47
CA HIS B 92 13.01 -24.50 -29.51
C HIS B 92 13.51 -24.49 -30.96
N ALA B 93 12.90 -25.28 -31.82
CA ALA B 93 13.31 -25.29 -33.23
C ALA B 93 13.10 -23.92 -33.87
N GLN B 94 11.98 -23.25 -33.55
CA GLN B 94 11.75 -21.91 -34.06
C GLN B 94 12.86 -20.95 -33.65
N ALA B 95 13.31 -21.05 -32.40
CA ALA B 95 14.26 -20.09 -31.85
C ALA B 95 15.70 -20.41 -32.25
N LYS B 96 16.00 -21.68 -32.53
CA LYS B 96 17.38 -22.09 -32.79
C LYS B 96 18.14 -21.16 -33.74
N PRO B 97 17.58 -20.67 -34.85
CA PRO B 97 18.35 -19.78 -35.74
C PRO B 97 18.79 -18.47 -35.10
N TYR B 98 18.17 -18.02 -34.01
CA TYR B 98 18.51 -16.75 -33.38
C TYR B 98 19.28 -17.03 -32.10
N GLU B 99 20.59 -16.78 -32.13
CA GLU B 99 21.45 -17.15 -31.01
C GLU B 99 21.16 -16.34 -29.76
N ASN B 100 20.53 -15.19 -29.90
CA ASN B 100 20.22 -14.27 -28.81
C ASN B 100 18.92 -14.59 -28.10
N ILE B 101 18.20 -15.64 -28.50
CA ILE B 101 16.91 -15.96 -27.92
C ILE B 101 17.07 -17.14 -26.95
N SER B 102 16.68 -16.92 -25.70
CA SER B 102 16.63 -17.95 -24.68
C SER B 102 15.18 -18.27 -24.35
N LEU B 103 14.96 -19.44 -23.74
CA LEU B 103 13.62 -19.90 -23.44
C LEU B 103 13.49 -20.31 -21.98
N CYS B 104 12.35 -19.97 -21.38
CA CYS B 104 12.01 -20.36 -20.03
C CYS B 104 10.68 -21.10 -20.06
N GLN B 105 10.69 -22.37 -19.66
CA GLN B 105 9.49 -23.18 -19.65
C GLN B 105 8.85 -23.06 -18.27
N ALA B 106 7.73 -22.35 -18.20
CA ALA B 106 7.03 -22.18 -16.94
C ALA B 106 6.47 -23.51 -16.49
N LYS B 107 6.73 -23.88 -15.23
CA LYS B 107 6.25 -25.16 -14.75
C LYS B 107 4.72 -25.15 -14.64
N LEU B 108 4.11 -26.23 -15.12
CA LEU B 108 2.65 -26.41 -15.08
C LEU B 108 2.41 -27.77 -14.43
N ASP B 109 2.54 -27.81 -13.11
CA ASP B 109 2.48 -29.08 -12.39
C ASP B 109 1.07 -29.50 -12.04
N ILE B 110 0.07 -28.65 -12.27
CA ILE B 110 -1.32 -29.05 -12.13
C ILE B 110 -1.86 -29.35 -13.51
N ALA B 111 -2.61 -30.44 -13.62
CA ALA B 111 -3.11 -30.89 -14.92
C ALA B 111 -3.99 -29.83 -15.57
N PHE B 112 -3.93 -29.78 -16.91
CA PHE B 112 -4.80 -28.94 -17.72
C PHE B 112 -4.57 -27.45 -17.48
N GLY B 113 -3.33 -27.09 -17.17
CA GLY B 113 -2.94 -25.71 -16.96
C GLY B 113 -2.24 -25.14 -18.17
N THR B 114 -2.34 -23.82 -18.32
CA THR B 114 -1.78 -23.11 -19.46
C THR B 114 -1.01 -21.90 -18.97
N HIS B 115 0.04 -21.54 -19.71
CA HIS B 115 0.70 -20.26 -19.47
C HIS B 115 0.07 -19.24 -20.40
N HIS B 116 -0.95 -18.52 -19.88
CA HIS B 116 -1.67 -17.53 -20.67
C HIS B 116 -1.10 -16.14 -20.58
N THR B 117 -0.30 -15.83 -19.55
CA THR B 117 0.19 -14.49 -19.30
C THR B 117 0.89 -13.89 -20.51
N LYS B 118 0.47 -12.67 -20.86
CA LYS B 118 1.05 -11.94 -21.98
C LYS B 118 1.64 -10.65 -21.45
N MET B 119 2.97 -10.60 -21.41
CA MET B 119 3.68 -9.48 -20.81
C MET B 119 5.00 -9.32 -21.53
N MET B 120 5.41 -8.06 -21.70
CA MET B 120 6.75 -7.70 -22.14
C MET B 120 7.48 -7.03 -20.99
N LEU B 121 8.72 -7.44 -20.74
CA LEU B 121 9.66 -6.66 -19.93
C LEU B 121 10.70 -6.09 -20.88
N LEU B 122 10.82 -4.77 -20.89
CA LEU B 122 11.66 -4.07 -21.86
C LEU B 122 12.72 -3.25 -21.12
N LEU B 123 13.96 -3.72 -21.12
CA LEU B 123 15.04 -3.03 -20.44
C LEU B 123 15.75 -2.11 -21.43
N TYR B 124 15.84 -0.83 -21.09
CA TYR B 124 16.47 0.19 -21.91
C TYR B 124 17.72 0.71 -21.23
N GLU B 125 18.51 1.45 -22.02
CA GLU B 125 19.57 2.28 -21.43
C GLU B 125 19.00 3.36 -20.54
N GLU B 126 17.78 3.81 -20.84
CA GLU B 126 17.13 4.89 -20.12
C GLU B 126 16.29 4.40 -18.95
N GLY B 127 16.07 3.10 -18.82
CA GLY B 127 15.19 2.62 -17.76
C GLY B 127 14.52 1.31 -18.16
N LEU B 128 13.31 1.11 -17.62
CA LEU B 128 12.60 -0.16 -17.68
C LEU B 128 11.13 0.10 -18.00
N ARG B 129 10.55 -0.74 -18.86
CA ARG B 129 9.12 -0.67 -19.16
C ARG B 129 8.49 -2.05 -19.03
N VAL B 130 7.26 -2.08 -18.52
CA VAL B 130 6.45 -3.29 -18.42
C VAL B 130 5.23 -3.08 -19.29
N VAL B 131 4.91 -4.06 -20.12
CA VAL B 131 3.73 -4.04 -20.97
C VAL B 131 2.90 -5.28 -20.65
N ILE B 132 1.66 -5.09 -20.24
CA ILE B 132 0.77 -6.21 -19.97
C ILE B 132 -0.37 -6.08 -20.98
N HIS B 133 -0.60 -7.14 -21.73
CA HIS B 133 -1.44 -7.04 -22.93
C HIS B 133 -2.14 -8.37 -23.14
N THR B 134 -2.83 -8.53 -24.27
CA THR B 134 -3.69 -9.70 -24.45
C THR B 134 -3.42 -10.49 -25.73
N SER B 135 -2.39 -10.11 -26.50
CA SER B 135 -2.16 -10.69 -27.83
C SER B 135 -1.08 -11.77 -27.81
N ASN B 136 -1.34 -12.87 -28.50
CA ASN B 136 -0.27 -13.81 -28.78
C ASN B 136 0.74 -13.20 -29.75
N LEU B 137 1.95 -13.74 -29.77
CA LEU B 137 3.01 -13.17 -30.60
C LEU B 137 3.01 -13.86 -31.98
N ILE B 138 1.90 -13.68 -32.68
CA ILE B 138 1.69 -14.18 -34.04
C ILE B 138 0.95 -13.11 -34.83
N HIS B 139 1.18 -13.08 -36.15
CA HIS B 139 0.61 -12.02 -36.98
C HIS B 139 -0.90 -11.87 -36.77
N ALA B 140 -1.62 -13.00 -36.68
CA ALA B 140 -3.08 -12.94 -36.69
C ALA B 140 -3.63 -12.25 -35.45
N ASP B 141 -2.89 -12.29 -34.34
CA ASP B 141 -3.44 -11.69 -33.13
C ASP B 141 -3.32 -10.17 -33.13
N TRP B 142 -2.54 -9.59 -34.03
CA TRP B 142 -2.37 -8.14 -34.12
C TRP B 142 -2.97 -7.58 -35.39
N HIS B 143 -3.72 -8.38 -36.14
CA HIS B 143 -4.18 -7.99 -37.47
C HIS B 143 -5.61 -7.45 -37.45
N GLN B 144 -6.60 -8.29 -37.14
CA GLN B 144 -7.99 -7.84 -37.20
C GLN B 144 -8.77 -8.20 -35.94
N LYS B 145 -8.11 -8.24 -34.79
CA LYS B 145 -8.75 -8.55 -33.52
C LYS B 145 -8.79 -7.32 -32.62
N THR B 146 -9.73 -7.32 -31.68
CA THR B 146 -9.74 -6.35 -30.60
C THR B 146 -8.88 -6.92 -29.47
N GLN B 147 -7.78 -6.25 -29.19
CA GLN B 147 -6.84 -6.63 -28.16
C GLN B 147 -6.52 -5.41 -27.32
N GLY B 148 -6.10 -5.65 -26.07
CA GLY B 148 -5.83 -4.56 -25.13
C GLY B 148 -4.39 -4.56 -24.67
N ILE B 149 -3.88 -3.35 -24.36
CA ILE B 149 -2.50 -3.10 -23.94
C ILE B 149 -2.49 -2.12 -22.78
N TRP B 150 -1.77 -2.44 -21.71
CA TRP B 150 -1.38 -1.45 -20.72
C TRP B 150 0.12 -1.18 -20.83
N LEU B 151 0.48 0.09 -20.94
CA LEU B 151 1.88 0.54 -21.01
C LEU B 151 2.27 1.18 -19.69
N SER B 152 3.30 0.63 -19.05
CA SER B 152 3.86 1.26 -17.88
C SER B 152 4.57 2.55 -18.27
N PRO B 153 4.78 3.46 -17.31
CA PRO B 153 5.71 4.57 -17.55
C PRO B 153 7.12 4.03 -17.74
N LEU B 154 8.00 4.93 -18.19
CA LEU B 154 9.42 4.64 -18.22
C LEU B 154 9.93 4.70 -16.79
N TYR B 155 10.34 3.56 -16.27
CA TYR B 155 10.81 3.47 -14.90
C TYR B 155 12.30 3.76 -14.86
N PRO B 156 12.75 4.79 -14.14
CA PRO B 156 14.19 5.08 -14.09
C PRO B 156 14.92 4.13 -13.17
N ARG B 157 16.23 3.99 -13.40
CA ARG B 157 17.06 3.20 -12.52
C ARG B 157 17.29 3.96 -11.22
N ILE B 158 17.33 3.24 -10.10
CA ILE B 158 17.58 3.86 -8.81
C ILE B 158 19.06 4.19 -8.72
N ALA B 159 19.38 5.39 -8.26
CA ALA B 159 20.77 5.84 -8.16
C ALA B 159 21.61 4.84 -7.36
N ASP B 160 22.79 4.52 -7.87
CA ASP B 160 23.66 3.58 -7.19
C ASP B 160 24.13 4.16 -5.86
N GLY B 161 24.17 3.32 -4.83
CA GLY B 161 24.37 3.77 -3.47
C GLY B 161 23.13 4.31 -2.79
N THR B 162 22.13 4.75 -3.55
CA THR B 162 20.86 5.17 -2.98
C THR B 162 20.03 3.96 -2.56
N HIS B 163 19.48 4.01 -1.35
CA HIS B 163 18.55 3.00 -0.85
C HIS B 163 17.15 3.61 -0.80
N LYS B 164 16.32 3.29 -1.79
CA LYS B 164 14.91 3.62 -1.74
C LYS B 164 14.13 2.39 -2.20
N SER B 165 12.83 2.37 -1.91
CA SER B 165 12.06 1.18 -2.25
C SER B 165 11.76 1.12 -3.75
N GLY B 166 11.59 2.29 -4.38
CA GLY B 166 11.04 2.33 -5.71
C GLY B 166 9.61 1.85 -5.81
N GLU B 167 8.89 1.81 -4.69
CA GLU B 167 7.57 1.17 -4.65
C GLU B 167 6.47 2.22 -4.90
N SER B 168 5.36 1.75 -5.49
N SER B 168 5.36 1.75 -5.49
CA SER B 168 4.22 2.60 -5.77
CA SER B 168 4.20 2.58 -5.79
C SER B 168 3.15 2.43 -4.69
C SER B 168 3.13 2.42 -4.72
N PRO B 169 2.21 3.38 -4.59
CA PRO B 169 1.08 3.18 -3.67
C PRO B 169 0.25 1.95 -3.98
N THR B 170 0.33 1.39 -5.19
CA THR B 170 -0.41 0.18 -5.51
C THR B 170 0.39 -1.09 -5.25
N HIS B 171 1.59 -0.97 -4.70
CA HIS B 171 2.44 -2.12 -4.37
C HIS B 171 2.86 -2.89 -5.61
N PHE B 172 2.84 -2.23 -6.78
CA PHE B 172 3.07 -2.93 -8.05
C PHE B 172 4.45 -3.56 -8.12
N LYS B 173 5.48 -2.89 -7.59
CA LYS B 173 6.83 -3.44 -7.71
C LYS B 173 6.95 -4.76 -6.95
N ALA B 174 6.57 -4.78 -5.68
CA ALA B 174 6.58 -6.03 -4.92
C ALA B 174 5.67 -7.08 -5.52
N ASP B 175 4.50 -6.67 -6.02
CA ASP B 175 3.55 -7.64 -6.54
C ASP B 175 4.06 -8.29 -7.83
N LEU B 176 4.71 -7.50 -8.70
CA LEU B 176 5.29 -8.08 -9.92
C LEU B 176 6.42 -9.03 -9.58
N ILE B 177 7.29 -8.62 -8.65
CA ILE B 177 8.37 -9.52 -8.22
C ILE B 177 7.78 -10.81 -7.67
N SER B 178 6.74 -10.69 -6.83
N SER B 178 6.74 -10.69 -6.83
CA SER B 178 6.10 -11.89 -6.30
CA SER B 178 6.10 -11.88 -6.29
C SER B 178 5.54 -12.77 -7.40
C SER B 178 5.54 -12.77 -7.40
N TYR B 179 4.94 -12.15 -8.43
CA TYR B 179 4.44 -12.94 -9.55
C TYR B 179 5.56 -13.72 -10.23
N LEU B 180 6.68 -13.04 -10.52
CA LEU B 180 7.80 -13.71 -11.16
C LEU B 180 8.45 -14.73 -10.25
N MET B 181 8.46 -14.48 -8.93
N MET B 181 8.46 -14.48 -8.93
CA MET B 181 9.08 -15.43 -8.02
CA MET B 181 9.07 -15.43 -8.01
C MET B 181 8.38 -16.79 -8.05
C MET B 181 8.37 -16.79 -8.03
N ALA B 182 7.07 -16.80 -8.32
CA ALA B 182 6.31 -18.04 -8.36
C ALA B 182 6.78 -19.00 -9.45
N TYR B 183 7.47 -18.49 -10.47
CA TYR B 183 7.97 -19.38 -11.52
C TYR B 183 9.10 -20.25 -11.01
N ASN B 184 9.83 -19.76 -10.01
CA ASN B 184 11.02 -20.43 -9.52
C ASN B 184 11.98 -20.74 -10.66
N ALA B 185 12.23 -19.73 -11.49
CA ALA B 185 13.01 -19.91 -12.71
C ALA B 185 14.25 -19.06 -12.69
N PRO B 186 15.43 -19.61 -13.01
CA PRO B 186 16.65 -18.81 -12.94
C PRO B 186 16.69 -17.67 -13.94
N SER B 187 16.09 -17.82 -15.13
CA SER B 187 16.12 -16.72 -16.09
C SER B 187 15.30 -15.55 -15.59
N LEU B 188 14.29 -15.82 -14.76
CA LEU B 188 13.41 -14.78 -14.24
C LEU B 188 13.91 -14.18 -12.93
N LYS B 189 14.76 -14.90 -12.18
CA LYS B 189 15.44 -14.23 -11.08
C LYS B 189 16.32 -13.10 -11.59
N GLU B 190 16.90 -13.28 -12.79
CA GLU B 190 17.64 -12.20 -13.41
C GLU B 190 16.75 -10.98 -13.68
N TRP B 191 15.50 -11.22 -14.10
CA TRP B 191 14.61 -10.08 -14.34
C TRP B 191 14.08 -9.50 -13.04
N ILE B 192 13.86 -10.33 -12.02
CA ILE B 192 13.55 -9.83 -10.69
C ILE B 192 14.63 -8.85 -10.22
N ASP B 193 15.89 -9.21 -10.43
CA ASP B 193 16.96 -8.31 -9.99
C ASP B 193 16.98 -7.02 -10.78
N VAL B 194 16.62 -7.06 -12.06
CA VAL B 194 16.50 -5.84 -12.85
C VAL B 194 15.43 -4.93 -12.25
N ILE B 195 14.26 -5.51 -11.94
CA ILE B 195 13.16 -4.71 -11.41
C ILE B 195 13.54 -4.09 -10.07
N HIS B 196 14.23 -4.86 -9.21
CA HIS B 196 14.72 -4.32 -7.94
C HIS B 196 15.49 -3.03 -8.15
N LYS B 197 16.25 -2.92 -9.23
CA LYS B 197 17.10 -1.74 -9.44
C LYS B 197 16.35 -0.55 -10.02
N HIS B 198 15.06 -0.67 -10.29
CA HIS B 198 14.33 0.42 -10.92
C HIS B 198 13.25 0.97 -9.99
N ASP B 199 12.89 2.22 -10.25
CA ASP B 199 11.90 2.99 -9.48
C ASP B 199 10.55 2.85 -10.18
N LEU B 200 9.65 2.07 -9.58
CA LEU B 200 8.33 1.83 -10.16
C LEU B 200 7.23 2.62 -9.44
N SER B 201 7.62 3.66 -8.69
CA SER B 201 6.71 4.35 -7.81
C SER B 201 5.60 5.10 -8.55
N GLU B 202 5.78 5.40 -9.83
CA GLU B 202 4.74 6.11 -10.56
C GLU B 202 3.57 5.20 -10.98
N THR B 203 3.66 3.90 -10.72
CA THR B 203 2.64 2.98 -11.22
C THR B 203 1.33 3.20 -10.48
N ASN B 204 0.25 3.38 -11.26
N ASN B 204 0.24 3.37 -11.23
CA ASN B 204 -1.06 3.66 -10.70
CA ASN B 204 -1.05 3.61 -10.60
C ASN B 204 -2.06 2.52 -10.89
C ASN B 204 -2.06 2.52 -10.95
N VAL B 205 -1.61 1.35 -11.36
CA VAL B 205 -2.48 0.19 -11.51
C VAL B 205 -2.06 -0.87 -10.49
N TYR B 206 -3.01 -1.75 -10.18
CA TYR B 206 -2.78 -2.91 -9.33
C TYR B 206 -2.58 -4.15 -10.19
N LEU B 207 -1.59 -4.96 -9.83
CA LEU B 207 -1.35 -6.21 -10.54
C LEU B 207 -2.31 -7.29 -10.04
N ILE B 208 -2.93 -8.00 -10.96
CA ILE B 208 -3.75 -9.15 -10.60
C ILE B 208 -3.22 -10.35 -11.39
N GLY B 209 -2.53 -11.25 -10.68
CA GLY B 209 -2.00 -12.44 -11.33
C GLY B 209 -2.66 -13.72 -10.86
N SER B 210 -2.56 -14.75 -11.69
CA SER B 210 -2.83 -16.13 -11.31
C SER B 210 -1.56 -16.93 -11.54
N THR B 211 -1.29 -17.87 -10.65
N THR B 211 -1.26 -17.84 -10.63
CA THR B 211 -0.15 -18.78 -10.78
CA THR B 211 -0.16 -18.79 -10.78
C THR B 211 -0.63 -20.15 -10.31
C THR B 211 -0.68 -20.15 -10.35
N PRO B 212 -0.11 -21.24 -10.87
CA PRO B 212 -0.65 -22.56 -10.54
C PRO B 212 -0.35 -22.94 -9.09
N GLY B 213 -1.33 -23.54 -8.44
CA GLY B 213 -1.09 -24.06 -7.12
C GLY B 213 -2.38 -24.25 -6.35
N ARG B 214 -2.21 -24.61 -5.07
N ARG B 214 -2.21 -24.58 -5.07
CA ARG B 214 -3.31 -24.77 -4.13
CA ARG B 214 -3.31 -24.77 -4.13
C ARG B 214 -2.98 -23.90 -2.93
C ARG B 214 -2.99 -23.91 -2.91
N PHE B 215 -3.71 -22.79 -2.77
CA PHE B 215 -3.36 -21.75 -1.83
C PHE B 215 -4.32 -21.73 -0.66
N GLN B 216 -3.77 -21.54 0.53
CA GLN B 216 -4.55 -21.55 1.76
C GLN B 216 -4.06 -20.45 2.68
N GLY B 217 -4.93 -20.05 3.60
CA GLY B 217 -4.55 -19.10 4.65
C GLY B 217 -4.02 -17.79 4.11
N SER B 218 -2.81 -17.44 4.54
CA SER B 218 -2.16 -16.18 4.21
C SER B 218 -1.64 -16.16 2.77
N GLN B 219 -2.21 -17.01 1.92
CA GLN B 219 -1.84 -17.05 0.51
C GLN B 219 -3.04 -17.08 -0.42
N LYS B 220 -4.25 -17.35 0.08
CA LYS B 220 -5.42 -17.37 -0.77
C LYS B 220 -5.65 -16.03 -1.45
N ASP B 221 -5.26 -14.93 -0.80
CA ASP B 221 -5.53 -13.59 -1.33
C ASP B 221 -4.49 -13.15 -2.35
N ASN B 222 -3.49 -13.97 -2.64
CA ASN B 222 -2.43 -13.51 -3.53
C ASN B 222 -2.82 -13.56 -5.00
N TRP B 223 -3.78 -14.42 -5.37
CA TRP B 223 -3.99 -14.76 -6.77
C TRP B 223 -5.46 -14.83 -7.13
N GLY B 224 -5.72 -14.75 -8.44
CA GLY B 224 -7.04 -15.12 -8.94
C GLY B 224 -8.14 -14.22 -8.40
N HIS B 225 -9.34 -14.78 -8.30
CA HIS B 225 -10.48 -13.95 -7.94
C HIS B 225 -10.47 -13.54 -6.48
N PHE B 226 -9.72 -14.25 -5.61
CA PHE B 226 -9.53 -13.76 -4.25
C PHE B 226 -8.59 -12.55 -4.22
N ARG B 227 -7.59 -12.49 -5.11
CA ARG B 227 -6.77 -11.29 -5.21
C ARG B 227 -7.63 -10.09 -5.58
N LEU B 228 -8.50 -10.25 -6.57
CA LEU B 228 -9.42 -9.17 -6.93
C LEU B 228 -10.27 -8.75 -5.73
N LYS B 229 -10.85 -9.74 -5.03
CA LYS B 229 -11.72 -9.44 -3.90
C LYS B 229 -10.98 -8.63 -2.84
N LYS B 230 -9.74 -9.00 -2.55
CA LYS B 230 -8.95 -8.30 -1.55
C LYS B 230 -8.68 -6.85 -1.95
N LEU B 231 -8.32 -6.63 -3.22
CA LEU B 231 -8.07 -5.26 -3.67
C LEU B 231 -9.34 -4.42 -3.62
N LEU B 232 -10.47 -5.01 -4.00
CA LEU B 232 -11.72 -4.26 -3.98
C LEU B 232 -12.14 -3.94 -2.55
N LYS B 233 -11.94 -4.89 -1.64
CA LYS B 233 -12.23 -4.67 -0.23
C LYS B 233 -11.38 -3.52 0.33
N ASP B 234 -10.08 -3.53 0.04
CA ASP B 234 -9.15 -2.59 0.66
C ASP B 234 -9.07 -1.23 -0.03
N HIS B 235 -9.44 -1.14 -1.32
CA HIS B 235 -9.14 0.07 -2.09
C HIS B 235 -10.33 0.59 -2.89
N ALA B 236 -11.51 0.04 -2.72
CA ALA B 236 -12.73 0.61 -3.28
C ALA B 236 -13.70 0.89 -2.14
N SER B 237 -14.70 1.73 -2.41
CA SER B 237 -15.74 2.02 -1.44
C SER B 237 -17.08 1.58 -1.98
N SER B 238 -17.93 1.05 -1.11
CA SER B 238 -19.29 0.75 -1.51
C SER B 238 -20.10 2.04 -1.54
N MET B 239 -20.99 2.13 -2.52
CA MET B 239 -21.85 3.29 -2.70
C MET B 239 -23.30 2.93 -2.39
N PRO B 240 -24.17 3.93 -2.23
CA PRO B 240 -25.60 3.62 -2.04
C PRO B 240 -26.15 2.89 -3.26
N ASN B 241 -26.97 1.87 -2.99
CA ASN B 241 -27.57 1.04 -4.04
C ASN B 241 -26.49 0.39 -4.89
N ALA B 242 -25.41 -0.07 -4.23
CA ALA B 242 -24.40 -0.85 -4.94
C ALA B 242 -25.01 -2.09 -5.59
N GLU B 243 -26.11 -2.60 -5.02
CA GLU B 243 -26.83 -3.74 -5.57
C GLU B 243 -27.27 -3.52 -7.02
N SER B 244 -27.37 -2.27 -7.46
CA SER B 244 -27.83 -1.94 -8.79
C SER B 244 -26.70 -1.71 -9.79
N TRP B 245 -25.46 -1.69 -9.31
CA TRP B 245 -24.29 -1.58 -10.19
C TRP B 245 -23.97 -2.95 -10.75
N PRO B 246 -24.16 -3.17 -12.05
CA PRO B 246 -23.90 -4.49 -12.62
C PRO B 246 -22.42 -4.82 -12.59
N VAL B 247 -22.15 -6.10 -12.80
CA VAL B 247 -20.83 -6.63 -13.12
C VAL B 247 -20.85 -7.04 -14.58
N VAL B 248 -19.81 -6.65 -15.33
CA VAL B 248 -19.65 -7.03 -16.74
C VAL B 248 -18.38 -7.84 -16.87
N GLY B 249 -18.47 -9.00 -17.52
CA GLY B 249 -17.30 -9.77 -17.87
C GLY B 249 -17.31 -10.02 -19.36
N GLN B 250 -16.12 -9.95 -19.97
CA GLN B 250 -15.99 -9.98 -21.43
C GLN B 250 -14.73 -10.81 -21.76
N PHE B 251 -14.88 -11.84 -22.58
CA PHE B 251 -13.83 -12.86 -22.66
C PHE B 251 -13.89 -13.54 -24.02
N SER B 252 -12.86 -14.36 -24.29
CA SER B 252 -12.77 -15.07 -25.57
C SER B 252 -12.92 -16.58 -25.43
N SER B 253 -13.07 -17.11 -24.22
CA SER B 253 -13.34 -18.52 -24.04
C SER B 253 -13.99 -18.74 -22.69
N VAL B 254 -14.55 -19.92 -22.52
CA VAL B 254 -15.32 -20.30 -21.34
C VAL B 254 -14.90 -21.71 -20.96
N GLY B 255 -14.64 -21.93 -19.67
CA GLY B 255 -14.40 -23.27 -19.16
C GLY B 255 -15.68 -23.91 -18.65
N SER B 256 -15.53 -25.12 -18.11
N SER B 256 -15.52 -25.12 -18.10
CA SER B 256 -16.65 -25.81 -17.50
CA SER B 256 -16.63 -25.82 -17.49
C SER B 256 -16.93 -25.20 -16.14
C SER B 256 -16.93 -25.19 -16.13
N LEU B 257 -18.10 -24.58 -15.99
CA LEU B 257 -18.46 -23.84 -14.78
C LEU B 257 -19.31 -24.65 -13.80
N GLY B 258 -19.86 -25.77 -14.22
CA GLY B 258 -20.69 -26.60 -13.35
C GLY B 258 -22.10 -26.77 -13.90
N ALA B 259 -22.87 -27.57 -13.16
CA ALA B 259 -24.21 -27.92 -13.60
C ALA B 259 -25.19 -26.75 -13.51
N ASP B 260 -24.93 -25.77 -12.65
CA ASP B 260 -25.76 -24.58 -12.57
C ASP B 260 -24.93 -23.42 -12.03
N GLU B 261 -25.54 -22.24 -11.98
CA GLU B 261 -24.82 -21.02 -11.63
C GLU B 261 -24.35 -21.02 -10.18
N SER B 262 -24.99 -21.80 -9.31
CA SER B 262 -24.61 -21.80 -7.89
C SER B 262 -23.31 -22.54 -7.64
N LYS B 263 -22.80 -23.31 -8.61
CA LYS B 263 -21.63 -24.13 -8.35
C LYS B 263 -20.34 -23.32 -8.34
N TRP B 264 -20.29 -22.21 -9.07
CA TRP B 264 -19.06 -21.41 -9.09
C TRP B 264 -19.30 -19.98 -9.58
N LEU B 265 -20.09 -19.84 -10.66
CA LEU B 265 -20.24 -18.55 -11.31
C LEU B 265 -20.83 -17.50 -10.37
N CYS B 266 -22.00 -17.78 -9.80
CA CYS B 266 -22.71 -16.82 -8.98
C CYS B 266 -22.46 -17.03 -7.49
N SER B 267 -21.66 -18.02 -7.12
CA SER B 267 -21.38 -18.27 -5.71
C SER B 267 -20.01 -17.76 -5.28
N GLU B 268 -18.96 -17.99 -6.07
CA GLU B 268 -17.69 -17.44 -5.68
C GLU B 268 -17.10 -16.46 -6.69
N PHE B 269 -17.25 -16.69 -8.00
CA PHE B 269 -16.72 -15.74 -8.97
C PHE B 269 -17.43 -14.39 -8.88
N LYS B 270 -18.75 -14.40 -9.00
CA LYS B 270 -19.50 -13.16 -8.92
C LYS B 270 -19.38 -12.53 -7.55
N GLU B 271 -19.33 -13.34 -6.49
CA GLU B 271 -19.23 -12.81 -5.14
C GLU B 271 -17.95 -12.01 -4.96
N SER B 272 -16.84 -12.49 -5.51
CA SER B 272 -15.62 -11.70 -5.50
C SER B 272 -15.79 -10.43 -6.32
N MET B 273 -16.40 -10.53 -7.50
CA MET B 273 -16.45 -9.34 -8.35
C MET B 273 -17.40 -8.28 -7.83
N LEU B 274 -18.38 -8.65 -6.99
N LEU B 274 -18.37 -8.64 -6.98
CA LEU B 274 -19.31 -7.67 -6.43
CA LEU B 274 -19.29 -7.63 -6.47
C LEU B 274 -18.69 -6.86 -5.31
C LEU B 274 -18.79 -6.98 -5.19
N THR B 275 -17.60 -7.34 -4.73
CA THR B 275 -17.05 -6.76 -3.51
C THR B 275 -16.72 -5.28 -3.69
N LEU B 276 -17.07 -4.47 -2.68
CA LEU B 276 -16.67 -3.07 -2.62
C LEU B 276 -16.53 -2.70 -1.16
N GLY B 277 -15.34 -2.28 -0.76
CA GLY B 277 -15.15 -1.81 0.60
C GLY B 277 -15.10 -2.94 1.62
N LYS B 278 -15.03 -2.53 2.89
CA LYS B 278 -14.71 -3.43 3.99
C LYS B 278 -15.93 -3.94 4.76
N GLU B 279 -17.13 -3.43 4.45
CA GLU B 279 -18.30 -3.76 5.26
C GLU B 279 -18.99 -5.02 4.76
N SER B 280 -19.89 -5.54 5.58
CA SER B 280 -20.61 -6.78 5.32
C SER B 280 -21.22 -6.85 3.92
N SER B 286 -27.49 -12.89 -4.23
CA SER B 286 -27.34 -11.48 -4.58
C SER B 286 -28.07 -11.13 -5.88
N SER B 287 -28.63 -9.92 -5.93
CA SER B 287 -29.42 -9.47 -7.07
C SER B 287 -28.65 -8.55 -8.00
N VAL B 288 -27.33 -8.55 -7.91
CA VAL B 288 -26.54 -7.69 -8.81
C VAL B 288 -26.57 -8.30 -10.21
N PRO B 289 -26.92 -7.54 -11.23
CA PRO B 289 -26.97 -8.11 -12.59
C PRO B 289 -25.57 -8.46 -13.09
N LEU B 290 -25.47 -9.60 -13.77
CA LEU B 290 -24.20 -10.07 -14.33
C LEU B 290 -24.36 -10.13 -15.85
N TYR B 291 -23.61 -9.30 -16.56
CA TYR B 291 -23.59 -9.26 -18.02
C TYR B 291 -22.33 -9.95 -18.51
N LEU B 292 -22.48 -10.95 -19.39
CA LEU B 292 -21.32 -11.63 -19.94
C LEU B 292 -21.31 -11.40 -21.45
N ILE B 293 -20.22 -10.85 -21.95
CA ILE B 293 -20.08 -10.49 -23.36
C ILE B 293 -19.19 -11.52 -24.03
N TYR B 294 -19.71 -12.17 -25.06
CA TYR B 294 -19.03 -13.25 -25.77
C TYR B 294 -19.60 -13.35 -27.18
N PRO B 295 -18.78 -13.43 -28.21
CA PRO B 295 -19.31 -13.36 -29.58
C PRO B 295 -20.32 -14.46 -29.90
N SER B 296 -21.45 -14.05 -30.47
CA SER B 296 -22.40 -14.98 -31.06
C SER B 296 -21.84 -15.55 -32.36
N VAL B 297 -22.48 -16.60 -32.85
CA VAL B 297 -22.11 -17.14 -34.16
C VAL B 297 -22.22 -16.05 -35.22
N GLU B 298 -23.28 -15.26 -35.18
N GLU B 298 -23.28 -15.26 -35.18
CA GLU B 298 -23.46 -14.20 -36.17
CA GLU B 298 -23.46 -14.20 -36.17
C GLU B 298 -22.37 -13.15 -36.07
C GLU B 298 -22.37 -13.15 -36.07
N ASN B 299 -21.95 -12.80 -34.85
CA ASN B 299 -20.82 -11.88 -34.67
C ASN B 299 -19.60 -12.38 -35.42
N VAL B 300 -19.29 -13.67 -35.24
CA VAL B 300 -18.11 -14.23 -35.89
C VAL B 300 -18.31 -14.32 -37.40
N ARG B 301 -19.50 -14.76 -37.82
CA ARG B 301 -19.74 -14.97 -39.25
C ARG B 301 -19.50 -13.70 -40.05
N THR B 302 -19.96 -12.55 -39.55
CA THR B 302 -19.82 -11.31 -40.30
C THR B 302 -18.61 -10.49 -39.86
N SER B 303 -17.67 -11.09 -39.14
CA SER B 303 -16.48 -10.36 -38.71
C SER B 303 -15.54 -10.09 -39.88
N LEU B 304 -14.51 -9.27 -39.62
CA LEU B 304 -13.50 -9.00 -40.65
C LEU B 304 -12.85 -10.29 -41.13
N GLU B 305 -12.65 -11.24 -40.22
CA GLU B 305 -12.01 -12.50 -40.55
C GLU B 305 -13.00 -13.56 -41.02
N GLY B 306 -14.29 -13.39 -40.73
CA GLY B 306 -15.23 -14.45 -40.98
C GLY B 306 -15.07 -15.56 -39.95
N TYR B 307 -15.55 -16.74 -40.30
CA TYR B 307 -15.49 -17.88 -39.40
C TYR B 307 -14.11 -18.16 -38.81
N PRO B 308 -13.01 -17.95 -39.54
CA PRO B 308 -11.69 -18.22 -38.96
C PRO B 308 -11.37 -17.40 -37.72
N ALA B 309 -12.07 -16.28 -37.48
CA ALA B 309 -11.91 -15.60 -36.18
C ALA B 309 -12.23 -16.55 -35.02
N GLY B 310 -13.13 -17.50 -35.26
CA GLY B 310 -13.54 -18.46 -34.26
C GLY B 310 -12.46 -19.44 -33.86
N GLY B 311 -11.36 -19.51 -34.61
CA GLY B 311 -10.24 -20.31 -34.15
C GLY B 311 -9.61 -19.76 -32.89
N SER B 312 -9.83 -18.48 -32.60
CA SER B 312 -9.32 -17.83 -31.40
C SER B 312 -10.41 -17.60 -30.35
N LEU B 313 -11.55 -18.25 -30.52
CA LEU B 313 -12.66 -18.26 -29.56
C LEU B 313 -12.98 -19.72 -29.22
N PRO B 314 -12.09 -20.39 -28.48
CA PRO B 314 -12.14 -21.87 -28.43
C PRO B 314 -13.06 -22.42 -27.33
N TYR B 315 -14.31 -22.00 -27.36
CA TYR B 315 -15.38 -22.59 -26.57
C TYR B 315 -15.84 -23.88 -27.25
N SER B 316 -15.68 -25.01 -26.57
CA SER B 316 -15.94 -26.30 -27.19
C SER B 316 -17.36 -26.78 -26.91
N ILE B 317 -17.89 -27.60 -27.83
CA ILE B 317 -19.23 -28.13 -27.67
C ILE B 317 -19.31 -29.03 -26.44
N GLN B 318 -18.23 -29.77 -26.16
CA GLN B 318 -18.20 -30.64 -24.98
C GLN B 318 -18.45 -29.83 -23.71
N THR B 319 -17.82 -28.66 -23.61
CA THR B 319 -18.04 -27.79 -22.46
C THR B 319 -19.42 -27.14 -22.51
N ALA B 320 -19.80 -26.57 -23.66
CA ALA B 320 -21.01 -25.77 -23.73
C ALA B 320 -22.26 -26.59 -23.45
N GLU B 321 -22.28 -27.85 -23.91
CA GLU B 321 -23.49 -28.65 -23.79
C GLU B 321 -23.76 -29.06 -22.34
N LYS B 322 -22.76 -28.96 -21.46
CA LYS B 322 -22.94 -29.21 -20.04
C LYS B 322 -23.53 -28.02 -19.30
N GLN B 323 -23.59 -26.84 -19.90
CA GLN B 323 -23.94 -25.63 -19.18
C GLN B 323 -24.77 -24.67 -20.04
N ASN B 324 -25.83 -25.19 -20.66
CA ASN B 324 -26.68 -24.31 -21.44
C ASN B 324 -27.33 -23.22 -20.58
N TRP B 325 -27.45 -23.46 -19.26
CA TRP B 325 -27.94 -22.40 -18.37
C TRP B 325 -27.12 -21.13 -18.52
N LEU B 326 -25.83 -21.27 -18.84
CA LEU B 326 -24.95 -20.10 -18.88
C LEU B 326 -25.35 -19.12 -19.98
N HIS B 327 -25.93 -19.61 -21.07
CA HIS B 327 -26.03 -18.76 -22.25
C HIS B 327 -27.12 -17.70 -22.13
N SER B 328 -28.04 -17.83 -21.17
N SER B 328 -28.03 -17.82 -21.18
CA SER B 328 -28.97 -16.75 -20.90
CA SER B 328 -28.97 -16.74 -20.92
C SER B 328 -28.28 -15.50 -20.37
C SER B 328 -28.28 -15.50 -20.36
N TYR B 329 -27.02 -15.61 -19.96
CA TYR B 329 -26.23 -14.47 -19.51
C TYR B 329 -25.50 -13.76 -20.63
N PHE B 330 -25.53 -14.31 -21.85
CA PHE B 330 -24.61 -13.87 -22.88
C PHE B 330 -25.14 -12.68 -23.66
N HIS B 331 -24.24 -11.74 -23.95
CA HIS B 331 -24.52 -10.53 -24.69
C HIS B 331 -23.58 -10.45 -25.88
N LYS B 332 -24.05 -9.84 -26.97
CA LYS B 332 -23.28 -9.76 -28.20
C LYS B 332 -22.03 -8.89 -28.05
N TRP B 333 -21.04 -9.17 -28.87
CA TRP B 333 -19.92 -8.26 -29.05
C TRP B 333 -20.38 -7.09 -29.89
N SER B 334 -20.22 -5.88 -29.36
CA SER B 334 -20.54 -4.67 -30.10
C SER B 334 -19.55 -3.60 -29.67
N ALA B 335 -18.95 -2.91 -30.64
CA ALA B 335 -17.89 -1.95 -30.32
C ALA B 335 -17.89 -0.80 -31.32
N GLU B 336 -19.09 -0.27 -31.62
CA GLU B 336 -19.18 0.95 -32.43
C GLU B 336 -18.31 2.07 -31.86
N THR B 337 -18.21 2.16 -30.53
CA THR B 337 -17.43 3.22 -29.90
C THR B 337 -15.99 3.24 -30.40
N SER B 338 -15.41 2.09 -30.74
CA SER B 338 -14.04 2.04 -31.21
C SER B 338 -13.95 1.52 -32.64
N GLY B 339 -15.06 1.50 -33.36
CA GLY B 339 -15.03 1.01 -34.73
C GLY B 339 -14.71 -0.46 -34.88
N ARG B 340 -14.93 -1.25 -33.83
CA ARG B 340 -14.41 -2.62 -33.78
C ARG B 340 -15.49 -3.69 -33.64
N SER B 341 -16.73 -3.40 -34.04
CA SER B 341 -17.76 -4.42 -33.95
C SER B 341 -17.42 -5.66 -34.79
N ASN B 342 -16.65 -5.49 -35.87
CA ASN B 342 -16.27 -6.62 -36.72
C ASN B 342 -14.86 -7.13 -36.44
N ALA B 343 -14.21 -6.63 -35.42
CA ALA B 343 -12.88 -7.12 -35.03
C ALA B 343 -13.07 -7.97 -33.77
N MET B 344 -13.01 -9.29 -33.93
CA MET B 344 -13.47 -10.15 -32.83
C MET B 344 -12.55 -9.99 -31.62
N PRO B 345 -13.10 -10.07 -30.41
CA PRO B 345 -12.29 -9.80 -29.22
C PRO B 345 -11.40 -10.98 -28.83
N HIS B 346 -10.13 -10.67 -28.61
CA HIS B 346 -9.26 -11.55 -27.85
C HIS B 346 -8.80 -10.88 -26.55
N ILE B 347 -9.09 -9.58 -26.39
CA ILE B 347 -9.01 -8.92 -25.08
C ILE B 347 -9.95 -9.61 -24.10
N LYS B 348 -9.60 -9.54 -22.81
CA LYS B 348 -10.52 -9.92 -21.73
C LYS B 348 -10.61 -8.74 -20.77
N THR B 349 -11.83 -8.38 -20.39
CA THR B 349 -12.04 -7.26 -19.50
C THR B 349 -13.16 -7.58 -18.52
N TYR B 350 -13.08 -6.96 -17.36
CA TYR B 350 -14.10 -7.08 -16.32
C TYR B 350 -14.26 -5.70 -15.71
N MET B 351 -15.48 -5.33 -15.38
CA MET B 351 -15.69 -3.99 -14.86
C MET B 351 -17.02 -3.90 -14.14
N ARG B 352 -17.22 -2.77 -13.46
CA ARG B 352 -18.35 -2.56 -12.56
C ARG B 352 -19.01 -1.22 -12.90
N PRO B 353 -19.91 -1.22 -13.88
CA PRO B 353 -20.57 0.03 -14.28
C PRO B 353 -21.67 0.45 -13.32
N SER B 354 -22.04 1.72 -13.41
CA SER B 354 -23.18 2.24 -12.69
C SER B 354 -24.46 1.74 -13.36
N PRO B 355 -25.62 1.87 -12.70
CA PRO B 355 -26.85 1.32 -13.29
C PRO B 355 -27.19 1.90 -14.67
N ASP B 356 -26.76 3.11 -14.99
CA ASP B 356 -27.00 3.68 -16.30
C ASP B 356 -25.75 3.64 -17.18
N PHE B 357 -24.71 2.93 -16.76
CA PHE B 357 -23.49 2.67 -17.53
C PHE B 357 -22.72 3.95 -17.87
N SER B 358 -22.95 5.04 -17.16
CA SER B 358 -22.21 6.27 -17.42
C SER B 358 -20.93 6.37 -16.61
N LYS B 359 -20.78 5.55 -15.57
CA LYS B 359 -19.62 5.55 -14.70
C LYS B 359 -19.20 4.10 -14.48
N ILE B 360 -17.94 3.90 -14.03
CA ILE B 360 -17.49 2.58 -13.61
C ILE B 360 -16.74 2.70 -12.28
N ALA B 361 -16.93 1.71 -11.42
CA ALA B 361 -16.23 1.68 -10.15
C ALA B 361 -14.82 1.09 -10.28
N TRP B 362 -14.55 0.34 -11.35
CA TRP B 362 -13.21 -0.20 -11.60
C TRP B 362 -13.22 -0.89 -12.96
N PHE B 363 -12.01 -1.15 -13.46
CA PHE B 363 -11.81 -1.76 -14.78
C PHE B 363 -10.58 -2.64 -14.73
N LEU B 364 -10.71 -3.85 -15.27
CA LEU B 364 -9.62 -4.82 -15.30
C LEU B 364 -9.44 -5.29 -16.73
N VAL B 365 -8.20 -5.23 -17.22
CA VAL B 365 -7.85 -5.90 -18.47
C VAL B 365 -6.89 -7.03 -18.11
N THR B 366 -7.11 -8.20 -18.70
CA THR B 366 -6.40 -9.39 -18.22
C THR B 366 -6.34 -10.42 -19.33
N SER B 367 -5.54 -11.46 -19.09
CA SER B 367 -5.57 -12.65 -19.94
C SER B 367 -6.63 -13.65 -19.51
N ALA B 368 -7.24 -13.47 -18.35
CA ALA B 368 -8.07 -14.51 -17.74
C ALA B 368 -9.45 -14.59 -18.38
N ASN B 369 -9.75 -15.73 -18.99
CA ASN B 369 -11.07 -16.04 -19.52
C ASN B 369 -12.02 -16.41 -18.39
N LEU B 370 -13.27 -16.74 -18.75
CA LEU B 370 -14.28 -17.12 -17.76
C LEU B 370 -14.11 -18.60 -17.46
N SER B 371 -13.23 -18.90 -16.51
CA SER B 371 -12.91 -20.30 -16.24
C SER B 371 -12.33 -20.43 -14.84
N LYS B 372 -12.63 -21.56 -14.20
CA LYS B 372 -12.05 -21.86 -12.90
C LYS B 372 -10.55 -22.03 -12.99
N ALA B 373 -10.05 -22.56 -14.11
CA ALA B 373 -8.62 -22.73 -14.28
C ALA B 373 -7.88 -21.41 -14.15
N ALA B 374 -8.50 -20.32 -14.62
CA ALA B 374 -7.87 -19.02 -14.71
C ALA B 374 -8.02 -18.23 -13.43
N TRP B 375 -9.21 -18.28 -12.84
CA TRP B 375 -9.57 -17.45 -11.70
C TRP B 375 -9.42 -18.17 -10.37
N GLY B 376 -9.40 -19.49 -10.40
CA GLY B 376 -9.33 -20.28 -9.19
C GLY B 376 -10.68 -20.81 -8.77
N ALA B 377 -10.66 -21.99 -8.14
CA ALA B 377 -11.85 -22.60 -7.58
C ALA B 377 -11.54 -23.10 -6.18
N LEU B 378 -12.46 -22.85 -5.25
CA LEU B 378 -12.26 -23.27 -3.87
C LEU B 378 -12.32 -24.78 -3.75
N GLU B 379 -11.48 -25.32 -2.86
CA GLU B 379 -11.44 -26.75 -2.56
C GLU B 379 -11.32 -26.95 -1.05
N LYS B 380 -11.42 -28.21 -0.64
CA LYS B 380 -11.26 -28.64 0.75
C LYS B 380 -12.10 -27.79 1.70
N ASN B 381 -13.40 -27.76 1.43
CA ASN B 381 -14.38 -27.06 2.25
C ASN B 381 -14.04 -25.57 2.36
N GLY B 382 -13.75 -24.95 1.22
CA GLY B 382 -13.51 -23.52 1.18
C GLY B 382 -12.18 -23.08 1.74
N THR B 383 -11.27 -24.00 2.04
CA THR B 383 -10.00 -23.66 2.66
C THR B 383 -8.86 -23.48 1.66
N GLN B 384 -8.98 -24.02 0.46
CA GLN B 384 -7.89 -24.03 -0.52
C GLN B 384 -8.40 -23.45 -1.84
N LEU B 385 -7.62 -22.52 -2.42
CA LEU B 385 -7.92 -21.98 -3.74
C LEU B 385 -6.99 -22.65 -4.74
N MET B 386 -7.55 -23.46 -5.65
CA MET B 386 -6.78 -24.17 -6.66
C MET B 386 -6.84 -23.40 -7.97
N ILE B 387 -5.67 -23.06 -8.50
CA ILE B 387 -5.53 -22.41 -9.79
C ILE B 387 -4.66 -23.30 -10.67
N ARG B 388 -5.02 -23.44 -11.95
CA ARG B 388 -4.26 -24.29 -12.86
C ARG B 388 -3.25 -23.54 -13.73
N SER B 389 -3.49 -22.24 -14.00
CA SER B 389 -2.81 -21.54 -15.08
C SER B 389 -2.10 -20.28 -14.59
N TYR B 390 -1.22 -19.76 -15.46
CA TYR B 390 -0.64 -18.44 -15.30
C TYR B 390 -1.52 -17.43 -16.04
N GLU B 391 -1.90 -16.37 -15.35
CA GLU B 391 -2.70 -15.29 -15.94
C GLU B 391 -2.18 -13.96 -15.40
N LEU B 392 -2.43 -12.87 -16.14
CA LEU B 392 -1.98 -11.58 -15.62
C LEU B 392 -2.82 -10.47 -16.19
N GLY B 393 -3.19 -9.52 -15.33
CA GLY B 393 -3.96 -8.37 -15.73
C GLY B 393 -3.63 -7.19 -14.84
N VAL B 394 -4.16 -6.02 -15.20
CA VAL B 394 -3.98 -4.81 -14.38
C VAL B 394 -5.34 -4.21 -14.06
N LEU B 395 -5.48 -3.73 -12.84
CA LEU B 395 -6.73 -3.20 -12.31
C LEU B 395 -6.62 -1.69 -12.15
N PHE B 396 -7.59 -0.97 -12.72
CA PHE B 396 -7.72 0.48 -12.60
C PHE B 396 -8.78 0.74 -11.53
N LEU B 397 -8.35 1.34 -10.41
CA LEU B 397 -9.26 1.74 -9.34
C LEU B 397 -9.31 3.25 -9.21
N PRO B 398 -10.50 3.86 -9.11
CA PRO B 398 -10.57 5.32 -8.99
C PRO B 398 -9.71 5.90 -7.88
N SER B 399 -9.63 5.23 -6.73
CA SER B 399 -8.81 5.72 -5.63
C SER B 399 -7.35 5.91 -6.04
N ALA B 400 -6.83 5.05 -6.91
CA ALA B 400 -5.44 5.19 -7.35
C ALA B 400 -5.22 6.43 -8.19
N PHE B 401 -6.29 7.09 -8.61
CA PHE B 401 -6.22 8.30 -9.41
C PHE B 401 -6.83 9.49 -8.69
N GLY B 402 -7.14 9.36 -7.41
CA GLY B 402 -7.74 10.42 -6.65
C GLY B 402 -9.20 10.68 -7.00
N LEU B 403 -9.88 9.66 -7.50
CA LEU B 403 -11.28 9.78 -7.92
C LEU B 403 -12.14 8.84 -7.10
N ASP B 404 -13.45 9.10 -7.14
CA ASP B 404 -14.43 8.20 -6.56
C ASP B 404 -14.97 7.22 -7.58
N SER B 405 -15.03 7.62 -8.84
CA SER B 405 -15.41 6.72 -9.92
C SER B 405 -14.79 7.25 -11.21
N PHE B 406 -14.84 6.43 -12.26
CA PHE B 406 -14.43 6.85 -13.60
C PHE B 406 -15.66 7.17 -14.43
N LYS B 407 -15.62 8.29 -15.15
CA LYS B 407 -16.60 8.51 -16.21
C LYS B 407 -16.27 7.64 -17.41
N VAL B 408 -17.29 7.11 -18.07
CA VAL B 408 -17.04 6.29 -19.24
C VAL B 408 -16.86 7.20 -20.46
N LYS B 409 -15.77 7.00 -21.20
CA LYS B 409 -15.53 7.77 -22.40
C LYS B 409 -16.58 7.43 -23.46
N GLN B 410 -17.25 8.46 -23.98
CA GLN B 410 -18.42 8.21 -24.81
C GLN B 410 -18.02 7.67 -26.19
N LYS B 411 -17.01 8.27 -26.80
CA LYS B 411 -16.38 7.73 -28.01
C LYS B 411 -14.93 7.41 -27.68
N PHE B 412 -14.53 6.15 -27.93
CA PHE B 412 -13.23 5.64 -27.47
C PHE B 412 -12.07 6.50 -27.96
N PHE B 413 -12.14 6.98 -29.20
CA PHE B 413 -11.06 7.76 -29.79
C PHE B 413 -11.32 9.26 -29.78
N ALA B 414 -12.34 9.73 -29.05
CA ALA B 414 -12.64 11.15 -28.96
C ALA B 414 -11.70 11.82 -27.97
N GLY B 415 -12.04 13.05 -27.57
CA GLY B 415 -11.21 13.80 -26.64
C GLY B 415 -11.86 14.02 -25.29
N PRO B 419 -12.86 16.32 -17.99
CA PRO B 419 -11.44 16.26 -18.39
C PRO B 419 -11.09 14.90 -19.00
N MET B 420 -9.79 14.58 -19.06
CA MET B 420 -9.32 13.27 -19.50
C MET B 420 -9.29 12.25 -18.35
N ALA B 421 -10.03 12.50 -17.26
CA ALA B 421 -10.27 11.50 -16.22
C ALA B 421 -11.46 10.60 -16.54
N THR B 422 -11.67 10.31 -17.82
CA THR B 422 -12.73 9.41 -18.26
C THR B 422 -12.09 8.17 -18.86
N PHE B 423 -12.63 7.02 -18.52
CA PHE B 423 -11.95 5.78 -18.87
C PHE B 423 -12.36 5.28 -20.25
N PRO B 424 -11.41 4.91 -21.12
CA PRO B 424 -11.75 4.48 -22.48
C PRO B 424 -12.21 3.02 -22.58
N VAL B 425 -13.46 2.78 -22.22
CA VAL B 425 -14.07 1.46 -22.35
C VAL B 425 -14.15 1.12 -23.84
N PRO B 426 -13.59 0.00 -24.29
CA PRO B 426 -13.43 -0.21 -25.74
C PRO B 426 -14.65 -0.80 -26.46
N TYR B 427 -15.71 -1.17 -25.76
CA TYR B 427 -16.92 -1.70 -26.41
C TYR B 427 -18.14 -0.97 -25.90
N ASP B 428 -19.28 -1.25 -26.53
CA ASP B 428 -20.48 -0.46 -26.33
C ASP B 428 -21.19 -0.83 -25.04
N LEU B 429 -21.77 0.17 -24.40
CA LEU B 429 -22.63 -0.01 -23.24
C LEU B 429 -23.97 0.69 -23.52
N PRO B 430 -25.07 0.13 -23.03
CA PRO B 430 -25.15 -1.12 -22.29
C PRO B 430 -24.92 -2.29 -23.25
N PRO B 431 -24.54 -3.45 -22.73
CA PRO B 431 -24.41 -4.62 -23.60
C PRO B 431 -25.78 -5.10 -24.04
N GLU B 432 -25.81 -5.69 -25.23
CA GLU B 432 -27.05 -6.12 -25.86
C GLU B 432 -27.21 -7.63 -25.74
N LEU B 433 -28.31 -8.06 -25.15
CA LEU B 433 -28.58 -9.49 -24.99
C LEU B 433 -28.64 -10.18 -26.36
N TYR B 434 -28.20 -11.45 -26.38
CA TYR B 434 -28.41 -12.29 -27.56
C TYR B 434 -29.88 -12.29 -27.95
N GLY B 435 -30.15 -12.30 -29.25
CA GLY B 435 -31.49 -12.53 -29.73
C GLY B 435 -31.92 -13.99 -29.56
N SER B 436 -33.21 -14.25 -29.77
CA SER B 436 -33.72 -15.60 -29.55
C SER B 436 -33.05 -16.63 -30.46
N LYS B 437 -32.61 -16.22 -31.65
CA LYS B 437 -31.96 -17.13 -32.58
C LYS B 437 -30.45 -17.16 -32.44
N ASP B 438 -29.85 -16.27 -31.65
CA ASP B 438 -28.40 -16.28 -31.51
C ASP B 438 -27.95 -17.46 -30.67
N ARG B 439 -26.73 -17.90 -30.94
CA ARG B 439 -26.06 -18.95 -30.20
C ARG B 439 -24.62 -18.50 -29.92
N PRO B 440 -24.03 -18.92 -28.82
CA PRO B 440 -22.62 -18.58 -28.59
C PRO B 440 -21.76 -19.24 -29.66
N TRP B 441 -20.66 -18.56 -30.02
CA TRP B 441 -19.73 -19.19 -30.93
C TRP B 441 -19.14 -20.43 -30.26
N ILE B 442 -19.24 -21.57 -30.94
CA ILE B 442 -18.65 -22.82 -30.49
C ILE B 442 -17.73 -23.27 -31.61
N TRP B 443 -16.44 -23.47 -31.31
N TRP B 443 -16.44 -23.45 -31.31
CA TRP B 443 -15.43 -23.49 -32.35
CA TRP B 443 -15.44 -23.50 -32.37
C TRP B 443 -15.31 -24.85 -33.05
C TRP B 443 -15.47 -24.83 -33.12
N ASN B 444 -15.79 -25.93 -32.43
CA ASN B 444 -15.59 -27.27 -32.97
C ASN B 444 -16.88 -27.94 -33.43
N ILE B 445 -17.85 -27.16 -33.89
CA ILE B 445 -18.99 -27.67 -34.64
C ILE B 445 -19.04 -26.93 -35.96
N PRO B 446 -19.64 -27.53 -36.99
CA PRO B 446 -19.66 -26.88 -38.30
C PRO B 446 -20.74 -25.83 -38.43
N TYR B 447 -20.47 -24.83 -39.27
CA TYR B 447 -21.45 -23.83 -39.68
C TYR B 447 -21.48 -23.85 -41.20
N VAL B 448 -22.53 -24.45 -41.78
CA VAL B 448 -22.54 -24.72 -43.20
C VAL B 448 -23.82 -24.20 -43.83
N LYS B 449 -24.63 -23.48 -43.06
CA LYS B 449 -25.89 -22.97 -43.59
C LYS B 449 -25.77 -21.56 -44.16
N ALA B 450 -24.87 -20.74 -43.62
CA ALA B 450 -24.74 -19.35 -44.08
C ALA B 450 -23.26 -19.05 -44.31
N PRO B 451 -22.88 -18.62 -45.50
CA PRO B 451 -21.47 -18.26 -45.74
C PRO B 451 -21.09 -17.03 -44.95
N ASP B 452 -19.79 -16.91 -44.68
CA ASP B 452 -19.27 -15.82 -43.88
C ASP B 452 -18.86 -14.65 -44.78
N THR B 453 -18.21 -13.66 -44.17
CA THR B 453 -17.65 -12.50 -44.84
C THR B 453 -16.92 -12.83 -46.14
N HIS B 454 -16.20 -13.93 -46.16
CA HIS B 454 -15.38 -14.30 -47.31
C HIS B 454 -16.03 -15.40 -48.15
N GLY B 455 -17.33 -15.63 -47.96
CA GLY B 455 -18.04 -16.60 -48.77
C GLY B 455 -17.79 -18.04 -48.40
N ASN B 456 -17.28 -18.30 -47.19
CA ASN B 456 -16.84 -19.62 -46.77
C ASN B 456 -17.73 -20.21 -45.71
N MET B 457 -17.70 -21.54 -45.61
CA MET B 457 -18.30 -22.26 -44.50
C MET B 457 -17.23 -22.66 -43.51
N TRP B 458 -17.66 -23.10 -42.33
CA TRP B 458 -16.74 -23.49 -41.26
C TRP B 458 -16.92 -24.98 -40.97
N VAL B 459 -15.87 -25.75 -41.18
CA VAL B 459 -15.90 -27.20 -40.95
C VAL B 459 -14.64 -27.61 -40.21
N PRO B 460 -14.69 -27.75 -38.87
CA PRO B 460 -13.50 -28.01 -38.06
C PRO B 460 -13.09 -29.49 -38.04
C10 GOG C . 2.24 12.50 29.49
C02 GOG C . 2.08 14.29 27.66
C04 GOG C . 1.58 13.58 28.92
C05 GOG C . 0.42 14.06 29.51
C06 GOG C . -0.09 13.47 30.64
C07 GOG C . 0.56 12.39 31.20
C08 GOG C . 1.73 11.90 30.63
C11 GOG C . 3.53 11.92 28.90
O01 GOG C . 3.15 14.95 27.70
O03 GOG C . 1.42 14.20 26.59
O09 GOG C . 2.38 10.80 31.21
O12 GOG C . 3.88 12.14 27.70
O13 GOG C . 4.24 11.17 29.62
C1 EDO D . 0.21 4.09 19.31
O1 EDO D . -0.84 4.26 18.32
C2 EDO D . 1.59 4.07 18.64
O2 EDO D . 1.82 5.26 17.89
C1 EDO E . -4.83 4.57 9.29
O1 EDO E . -4.26 5.40 10.33
C2 EDO E . -5.19 3.19 9.82
O2 EDO E . -6.15 3.40 10.85
C1 EDO F . -7.17 12.39 -3.13
O1 EDO F . -6.74 12.95 -1.89
C2 EDO F . -6.99 13.43 -4.22
O2 EDO F . -5.59 13.65 -4.44
C1 EDO G . 23.48 3.95 20.03
O1 EDO G . 22.40 3.01 20.01
C2 EDO G . 24.78 3.20 20.29
O2 EDO G . 24.61 2.30 21.39
C10 GOG H . -6.75 -18.81 -25.21
C02 GOG H . -4.48 -17.65 -25.34
C04 GOG H . -5.36 -18.88 -25.31
C05 GOG H . -4.76 -20.12 -25.41
C06 GOG H . -5.52 -21.28 -25.40
C07 GOG H . -6.88 -21.21 -25.29
C08 GOG H . -7.51 -19.97 -25.20
C11 GOG H . -7.49 -17.46 -25.10
O01 GOG H . -3.69 -17.40 -24.38
O03 GOG H . -4.50 -16.87 -26.33
O09 GOG H . -8.90 -19.90 -25.10
O12 GOG H . -8.71 -17.44 -25.38
O13 GOG H . -6.90 -16.41 -24.76
C1 EDO I . -6.72 -13.34 -13.15
O1 EDO I . -5.66 -13.43 -12.21
C2 EDO I . -7.03 -11.87 -13.42
O2 EDO I . -5.92 -11.17 -14.00
C1 EDO J . -20.11 3.99 -24.76
O1 EDO J . -21.02 2.96 -25.14
C2 EDO J . -18.69 3.48 -24.92
O2 EDO J . -18.54 2.31 -24.10
#